data_7ZDV
#
_entry.id   7ZDV
#
loop_
_entity.id
_entity.type
_entity.pdbx_description
1 polymer 'ATP-binding/permease protein CydC'
2 polymer 'ATP-binding/permease protein CydD'
3 non-polymer 'MAGNESIUM ION'
4 non-polymer 'PHOSPHOAMINOPHOSPHONIC ACID-ADENYLATE ESTER'
#
loop_
_entity_poly.entity_id
_entity_poly.type
_entity_poly.pdbx_seq_one_letter_code
_entity_poly.pdbx_strand_id
1 'polypeptide(L)'
;MRALLPYLALYKRHKWMLSLGIVLAIVTLLASIGLLTLSGWFLSASAVAGVAGLYSFNYMLPAAGVRGAAITRTAGRYFE
RLVSHDATFRVLQHLRIYTFSKLLPLSPAGLARYRQGELLNRVVADVDTLDHLYLRVISPLVGAFVVIMVVTIGLSFLDF
TLAFTLGGIMLLTLFLMPPLFYRAGKSTGQNLTHLRGQYRQQLTAWLQGQAELTIFGASDRYRTQLENTEIQWLEAQRRQ
SELTALSQAIMLLIGALAVILMLWMASGGVGGNAQPGALIALFVFCALAAFEALAPVTGAFQHLGQVIASAVRISDLTDQ
KPEVTFPDTQTRVADRVSLTLRDVQFTYPEQSQQALKGISLQVNAGEHIAILGRTGCGKSTLLQQLTRAWDPQQGEILLN
DSPIASLNEAALRQTISVVPQRVHLFSATLRDNLLLASPGSSDEALSEILRRVGLEKLLEDAGLNSWLGEGGRQLSGGEL
RRLAIARALLHDAPLVLLDQPTEGLDATTESQILELLAEMMREKTVLMVTHRLRGLSRFQQIIVMDNGQIIEQGTHAELL
ARQGRYYQFKQGL
;
C
2 'polypeptide(L)'
;MNKSRQKELTRWLKQQSVISQRWLNISRLLGFVSGILIIAQAWFMARILQHMIMENIPREALLLPFTLLVLTFVLRAWVV
WLRERVGYHAGQHIRFAIRRQVLDRLQQAGPAWIQGKPAGSWATLVLEQIDDMHDYYARYLPQMALAVSVPLLIVVAIFP
SNWAAALILLGTAPLIPLFMALVGMGAADANRRNFLALARLSGHFLDRLRGMETLRIFGRGEAEIESIRSASEDFRQRTM
EVLRLAFLSSGILEFFTSLSIALVAVYFGFSYLGELDFGHYDTGVTLAAGFLALILAPEFFQPLRDLGTFYHAKAQAVGA
ADSLKTFMETPLAHPQRGEAELASTDPVTIEAEELFITSPEGKTLAGPLNFTLPAGQRAVLVGRSGSGKSSLLNALSGFL
SYQGSLRINGIELRDLSPESWRKHLSWVGQNPQLPAATLRDNVLLARPDASEQELQAALDNAWVSEFLPLLPQGVDTPVG
DQAARLSVGQAQRVAVARALLNPCSLLLLDEPAASLDAHSEQRVMEALNAASLRQTTLMVTHQLEDLADWDVIWVMQDGR
IIEQGRYAELSVAGGPFATLLAHRQEEI
;
D
#
loop_
_chem_comp.id
_chem_comp.type
_chem_comp.name
_chem_comp.formula
ANP non-polymer 'PHOSPHOAMINOPHOSPHONIC ACID-ADENYLATE ESTER' 'C10 H17 N6 O12 P3'
MG non-polymer 'MAGNESIUM ION' 'Mg 2'
#
# COMPACT_ATOMS: atom_id res chain seq x y z
N MET A 1 -9.09 23.37 -4.34
CA MET A 1 -9.35 23.97 -3.05
C MET A 1 -10.84 23.92 -2.73
N ARG A 2 -11.67 24.08 -3.77
CA ARG A 2 -13.10 23.86 -3.62
C ARG A 2 -13.44 22.37 -3.53
N ALA A 3 -12.47 21.49 -3.79
CA ALA A 3 -12.69 20.06 -3.65
C ALA A 3 -12.87 19.66 -2.19
N LEU A 4 -12.22 20.38 -1.27
CA LEU A 4 -12.26 20.05 0.14
C LEU A 4 -13.52 20.53 0.84
N LEU A 5 -14.38 21.28 0.17
CA LEU A 5 -15.57 21.81 0.82
C LEU A 5 -16.49 20.73 1.39
N PRO A 6 -16.81 19.64 0.69
CA PRO A 6 -17.67 18.62 1.30
C PRO A 6 -17.07 17.99 2.54
N TYR A 7 -15.74 17.99 2.66
CA TYR A 7 -15.07 17.36 3.79
C TYR A 7 -14.77 18.32 4.92
N LEU A 8 -14.59 19.60 4.61
CA LEU A 8 -14.50 20.60 5.67
C LEU A 8 -15.84 20.78 6.37
N ALA A 9 -16.95 20.54 5.68
CA ALA A 9 -18.25 20.58 6.32
C ALA A 9 -18.46 19.41 7.27
N LEU A 10 -17.72 18.32 7.08
CA LEU A 10 -17.76 17.21 8.02
C LEU A 10 -17.14 17.57 9.36
N TYR A 11 -16.38 18.66 9.41
CA TYR A 11 -15.71 19.08 10.63
C TYR A 11 -16.65 19.73 11.63
N LYS A 12 -17.82 20.18 11.20
CA LYS A 12 -18.74 20.85 12.10
C LYS A 12 -19.32 19.90 13.13
N ARG A 13 -19.21 18.59 12.92
CA ARG A 13 -19.66 17.64 13.92
C ARG A 13 -18.79 17.71 15.18
N HIS A 14 -17.50 17.98 15.03
CA HIS A 14 -16.53 18.00 16.11
C HIS A 14 -15.79 19.33 16.11
N LYS A 15 -16.51 20.45 15.99
CA LYS A 15 -15.86 21.73 15.81
C LYS A 15 -15.17 22.22 17.07
N TRP A 16 -15.60 21.75 18.25
CA TRP A 16 -14.99 22.22 19.48
C TRP A 16 -13.75 21.41 19.85
N MET A 17 -13.73 20.13 19.51
CA MET A 17 -12.51 19.34 19.70
C MET A 17 -11.47 19.64 18.65
N LEU A 18 -11.88 20.01 17.45
CA LEU A 18 -10.92 20.38 16.41
C LEU A 18 -10.32 21.74 16.69
N SER A 19 -11.11 22.68 17.19
CA SER A 19 -10.60 24.01 17.50
C SER A 19 -9.77 24.01 18.77
N LEU A 20 -10.11 23.17 19.74
CA LEU A 20 -9.31 23.09 20.96
C LEU A 20 -7.92 22.52 20.67
N GLY A 21 -7.82 21.60 19.72
CA GLY A 21 -6.52 21.08 19.36
C GLY A 21 -5.62 22.09 18.69
N ILE A 22 -6.18 23.14 18.11
CA ILE A 22 -5.41 24.24 17.56
C ILE A 22 -5.11 25.29 18.62
N VAL A 23 -6.07 25.55 19.51
CA VAL A 23 -5.85 26.51 20.59
C VAL A 23 -4.68 26.08 21.45
N LEU A 24 -4.56 24.78 21.71
CA LEU A 24 -3.43 24.28 22.47
C LEU A 24 -2.14 24.31 21.65
N ALA A 25 -2.25 24.20 20.33
CA ALA A 25 -1.07 24.30 19.49
C ALA A 25 -0.49 25.71 19.47
N ILE A 26 -1.31 26.71 19.78
CA ILE A 26 -0.85 28.10 19.85
C ILE A 26 -0.34 28.43 21.25
N VAL A 27 -1.07 28.00 22.27
CA VAL A 27 -0.64 28.24 23.65
C VAL A 27 0.71 27.59 23.90
N THR A 28 0.90 26.37 23.39
CA THR A 28 2.20 25.72 23.50
C THR A 28 3.26 26.51 22.76
N LEU A 29 2.94 26.99 21.56
CA LEU A 29 3.92 27.63 20.70
C LEU A 29 4.16 29.08 21.09
N LEU A 30 3.25 29.69 21.84
CA LEU A 30 3.50 30.99 22.45
C LEU A 30 4.27 30.88 23.76
N ALA A 31 4.10 29.77 24.47
CA ALA A 31 4.90 29.53 25.67
C ALA A 31 6.34 29.19 25.31
N SER A 32 6.57 28.53 24.18
CA SER A 32 7.94 28.34 23.71
C SER A 32 8.58 29.67 23.40
N ILE A 33 7.87 30.55 22.70
CA ILE A 33 8.40 31.87 22.39
C ILE A 33 8.48 32.72 23.64
N GLY A 34 7.44 32.69 24.48
CA GLY A 34 7.41 33.54 25.65
C GLY A 34 8.40 33.14 26.71
N LEU A 35 8.73 31.85 26.81
CA LEU A 35 9.70 31.43 27.80
C LEU A 35 11.10 31.89 27.45
N LEU A 36 11.44 31.95 26.17
CA LEU A 36 12.79 32.30 25.77
C LEU A 36 12.97 33.82 25.68
N THR A 37 11.90 34.56 25.35
CA THR A 37 11.99 36.01 25.34
C THR A 37 11.82 36.63 26.71
N LEU A 38 11.15 35.96 27.64
CA LEU A 38 11.11 36.42 29.02
C LEU A 38 12.43 36.10 29.73
N SER A 39 13.01 34.95 29.43
CA SER A 39 14.34 34.64 29.96
C SER A 39 15.37 35.63 29.45
N GLY A 40 15.36 35.92 28.15
CA GLY A 40 16.33 36.84 27.58
C GLY A 40 16.23 38.24 28.13
N TRP A 41 15.01 38.69 28.44
CA TRP A 41 14.86 40.00 29.08
C TRP A 41 15.28 39.95 30.54
N PHE A 42 14.92 38.87 31.24
CA PHE A 42 15.24 38.77 32.66
C PHE A 42 16.75 38.79 32.90
N LEU A 43 17.52 38.11 32.04
CA LEU A 43 18.97 38.18 32.13
C LEU A 43 19.48 39.59 31.87
N SER A 44 18.90 40.29 30.91
CA SER A 44 19.36 41.65 30.61
C SER A 44 18.97 42.62 31.71
N ALA A 45 17.75 42.49 32.24
CA ALA A 45 17.32 43.36 33.33
C ALA A 45 18.13 43.09 34.59
N SER A 46 18.39 41.82 34.89
CA SER A 46 19.17 41.48 36.07
C SER A 46 20.61 41.98 35.95
N ALA A 47 21.22 41.82 34.78
CA ALA A 47 22.59 42.27 34.60
C ALA A 47 22.70 43.78 34.70
N VAL A 48 21.73 44.51 34.14
CA VAL A 48 21.76 45.96 34.22
C VAL A 48 21.49 46.42 35.65
N ALA A 49 20.53 45.78 36.33
CA ALA A 49 20.24 46.12 37.72
C ALA A 49 21.44 45.85 38.61
N GLY A 50 22.10 44.70 38.43
CA GLY A 50 23.29 44.41 39.17
C GLY A 50 23.01 44.11 40.64
N VAL A 51 24.10 44.06 41.41
CA VAL A 51 23.98 43.79 42.84
C VAL A 51 23.28 44.94 43.56
N ALA A 52 23.51 46.18 43.11
CA ALA A 52 22.89 47.33 43.76
C ALA A 52 21.36 47.28 43.68
N GLY A 53 20.83 46.70 42.61
CA GLY A 53 19.41 46.66 42.40
C GLY A 53 18.73 45.42 42.95
N LEU A 54 19.40 44.73 43.87
CA LEU A 54 18.85 43.50 44.43
C LEU A 54 17.51 43.75 45.10
N TYR A 55 17.31 44.95 45.66
CA TYR A 55 16.10 45.25 46.40
C TYR A 55 15.15 46.18 45.66
N SER A 56 15.58 46.80 44.57
CA SER A 56 14.68 47.63 43.77
C SER A 56 14.17 46.91 42.53
N PHE A 57 14.85 45.84 42.11
CA PHE A 57 14.41 45.05 40.97
C PHE A 57 13.48 43.94 41.45
N ASN A 58 12.23 43.96 40.97
CA ASN A 58 11.25 42.94 41.33
C ASN A 58 11.53 41.72 40.48
N TYR A 59 12.32 40.79 41.03
CA TYR A 59 12.76 39.61 40.30
C TYR A 59 11.86 38.40 40.51
N MET A 60 10.83 38.57 41.35
CA MET A 60 9.89 37.46 41.69
C MET A 60 8.81 37.33 40.61
N LEU A 61 8.47 38.42 39.93
CA LEU A 61 7.46 38.36 38.89
C LEU A 61 8.02 37.67 37.65
N PRO A 62 9.20 38.07 37.13
CA PRO A 62 9.78 37.31 36.02
C PRO A 62 10.09 35.86 36.37
N ALA A 63 10.53 35.61 37.61
CA ALA A 63 10.86 34.23 37.99
C ALA A 63 9.61 33.36 38.04
N ALA A 64 8.49 33.92 38.50
CA ALA A 64 7.23 33.20 38.46
C ALA A 64 6.67 33.11 37.06
N GLY A 65 7.21 33.88 36.12
CA GLY A 65 6.77 33.82 34.74
C GLY A 65 7.50 32.76 33.95
N VAL A 66 8.82 32.63 34.16
CA VAL A 66 9.56 31.58 33.47
C VAL A 66 9.14 30.21 33.97
N ARG A 67 8.65 30.13 35.21
CA ARG A 67 8.11 28.87 35.72
C ARG A 67 6.77 28.57 35.09
N GLY A 68 5.92 29.59 34.94
CA GLY A 68 4.65 29.38 34.27
C GLY A 68 4.82 29.04 32.80
N ALA A 69 5.69 29.78 32.11
CA ALA A 69 5.90 29.54 30.69
C ALA A 69 6.56 28.18 30.44
N ALA A 70 7.33 27.68 31.40
CA ALA A 70 7.93 26.36 31.27
C ALA A 70 6.94 25.24 31.54
N ILE A 71 5.98 25.47 32.43
CA ILE A 71 4.98 24.43 32.73
C ILE A 71 3.97 24.34 31.59
N THR A 72 3.48 25.48 31.09
CA THR A 72 2.46 25.46 30.05
C THR A 72 3.02 25.10 28.69
N ARG A 73 4.33 25.23 28.48
CA ARG A 73 4.93 24.72 27.26
C ARG A 73 5.11 23.21 27.34
N THR A 74 5.45 22.69 28.52
CA THR A 74 5.61 21.26 28.70
C THR A 74 4.27 20.53 28.61
N ALA A 75 3.27 21.01 29.35
CA ALA A 75 1.97 20.37 29.40
C ALA A 75 1.06 20.78 28.27
N GLY A 76 1.30 21.95 27.66
CA GLY A 76 0.53 22.31 26.48
C GLY A 76 0.84 21.42 25.31
N ARG A 77 2.10 20.98 25.18
CA ARG A 77 2.45 20.08 24.09
C ARG A 77 1.82 18.70 24.29
N TYR A 78 1.78 18.22 25.53
CA TYR A 78 1.19 16.91 25.80
C TYR A 78 -0.29 16.89 25.46
N PHE A 79 -1.03 17.91 25.90
CA PHE A 79 -2.46 17.93 25.65
C PHE A 79 -2.77 18.31 24.20
N GLU A 80 -1.89 19.07 23.55
CA GLU A 80 -2.07 19.34 22.14
C GLU A 80 -1.95 18.06 21.32
N ARG A 81 -1.03 17.18 21.69
CA ARG A 81 -0.89 15.91 20.98
C ARG A 81 -2.08 15.00 21.25
N LEU A 82 -2.61 15.02 22.47
CA LEU A 82 -3.75 14.17 22.79
C LEU A 82 -5.02 14.67 22.12
N VAL A 83 -5.29 15.97 22.21
CA VAL A 83 -6.53 16.50 21.67
C VAL A 83 -6.51 16.47 20.14
N SER A 84 -5.35 16.74 19.54
CA SER A 84 -5.28 16.75 18.09
C SER A 84 -5.29 15.36 17.49
N HIS A 85 -4.93 14.34 18.25
CA HIS A 85 -5.00 12.96 17.75
C HIS A 85 -6.33 12.31 18.06
N ASP A 86 -6.94 12.63 19.19
CA ASP A 86 -8.30 12.15 19.46
C ASP A 86 -9.27 12.69 18.42
N ALA A 87 -9.17 13.98 18.11
CA ALA A 87 -10.05 14.58 17.13
C ALA A 87 -9.78 14.04 15.72
N THR A 88 -8.57 13.57 15.47
CA THR A 88 -8.24 12.99 14.17
C THR A 88 -8.87 11.62 14.00
N PHE A 89 -9.05 10.88 15.09
CA PHE A 89 -9.70 9.59 15.05
C PHE A 89 -11.22 9.71 15.05
N ARG A 90 -11.76 10.87 15.38
CA ARG A 90 -13.19 11.12 15.28
C ARG A 90 -13.56 11.67 13.92
N VAL A 91 -12.64 12.36 13.25
CA VAL A 91 -12.84 12.71 11.86
C VAL A 91 -12.75 11.47 10.98
N LEU A 92 -11.83 10.56 11.31
CA LEU A 92 -11.68 9.34 10.53
C LEU A 92 -12.93 8.48 10.61
N GLN A 93 -13.53 8.38 11.79
CA GLN A 93 -14.78 7.64 11.91
C GLN A 93 -15.89 8.28 11.10
N HIS A 94 -15.98 9.61 11.14
CA HIS A 94 -17.02 10.31 10.39
C HIS A 94 -16.73 10.29 8.89
N LEU A 95 -15.46 10.19 8.51
CA LEU A 95 -15.12 10.05 7.10
C LEU A 95 -15.48 8.68 6.56
N ARG A 96 -15.33 7.64 7.37
CA ARG A 96 -15.62 6.28 6.93
C ARG A 96 -17.11 6.02 6.88
N ILE A 97 -17.86 6.56 7.84
CA ILE A 97 -19.31 6.43 7.81
C ILE A 97 -19.89 7.22 6.65
N TYR A 98 -19.30 8.39 6.36
CA TYR A 98 -19.78 9.19 5.25
C TYR A 98 -19.50 8.53 3.91
N THR A 99 -18.32 7.94 3.75
CA THR A 99 -17.96 7.34 2.46
C THR A 99 -18.43 5.91 2.30
N PHE A 100 -18.92 5.29 3.37
CA PHE A 100 -19.55 3.98 3.23
C PHE A 100 -21.03 4.12 2.91
N SER A 101 -21.68 5.14 3.49
CA SER A 101 -23.09 5.37 3.20
C SER A 101 -23.29 5.82 1.76
N LYS A 102 -22.25 6.32 1.11
CA LYS A 102 -22.34 6.79 -0.27
C LYS A 102 -21.95 5.73 -1.29
N LEU A 103 -21.16 4.74 -0.89
CA LEU A 103 -20.77 3.66 -1.79
C LEU A 103 -21.73 2.48 -1.73
N LEU A 104 -22.73 2.53 -0.86
CA LEU A 104 -23.74 1.48 -0.78
C LEU A 104 -24.80 1.62 -1.87
N PRO A 105 -25.38 2.81 -2.09
CA PRO A 105 -26.41 2.93 -3.14
C PRO A 105 -25.88 2.62 -4.53
N LEU A 106 -24.57 2.65 -4.74
CA LEU A 106 -23.95 2.37 -6.02
C LEU A 106 -22.96 1.21 -5.89
N SER A 107 -23.37 0.18 -5.13
CA SER A 107 -22.42 -0.87 -4.74
C SER A 107 -22.03 -1.77 -5.89
N PRO A 108 -22.95 -2.48 -6.57
CA PRO A 108 -22.51 -3.43 -7.60
C PRO A 108 -22.18 -2.76 -8.92
N ALA A 109 -22.95 -1.72 -9.29
CA ALA A 109 -22.91 -1.14 -10.62
C ALA A 109 -21.96 0.04 -10.74
N GLY A 110 -21.99 0.96 -9.79
CA GLY A 110 -21.11 2.11 -9.88
C GLY A 110 -19.64 1.74 -9.83
N LEU A 111 -19.30 0.68 -9.10
CA LEU A 111 -17.93 0.23 -8.95
C LEU A 111 -17.56 -0.89 -9.92
N ALA A 112 -18.41 -1.17 -10.90
CA ALA A 112 -18.15 -2.27 -11.81
C ALA A 112 -16.99 -1.97 -12.75
N ARG A 113 -16.98 -0.76 -13.35
CA ARG A 113 -15.94 -0.43 -14.31
C ARG A 113 -14.57 -0.36 -13.64
N TYR A 114 -14.51 0.19 -12.43
CA TYR A 114 -13.29 0.12 -11.65
C TYR A 114 -13.00 -1.33 -11.27
N ARG A 115 -11.76 -1.76 -11.51
CA ARG A 115 -11.41 -3.12 -11.03
C ARG A 115 -11.19 -2.92 -9.53
N GLN A 116 -11.79 -3.78 -8.70
CA GLN A 116 -11.69 -3.70 -7.26
C GLN A 116 -10.37 -4.30 -6.78
N GLY A 117 -10.15 -4.25 -5.47
CA GLY A 117 -8.88 -4.67 -4.92
C GLY A 117 -7.88 -3.53 -4.94
N GLU A 118 -7.75 -2.88 -6.09
CA GLU A 118 -6.96 -1.67 -6.20
C GLU A 118 -7.79 -0.41 -6.06
N LEU A 119 -9.05 -0.45 -6.50
CA LEU A 119 -9.94 0.69 -6.26
C LEU A 119 -10.20 0.88 -4.78
N LEU A 120 -10.43 -0.21 -4.06
CA LEU A 120 -10.75 -0.10 -2.64
C LEU A 120 -9.51 0.17 -1.79
N ASN A 121 -8.35 -0.37 -2.18
CA ASN A 121 -7.13 0.03 -1.51
C ASN A 121 -6.79 1.49 -1.79
N ARG A 122 -7.31 2.05 -2.88
CA ARG A 122 -7.20 3.48 -3.12
C ARG A 122 -8.23 4.26 -2.31
N VAL A 123 -9.39 3.67 -2.06
CA VAL A 123 -10.42 4.35 -1.27
C VAL A 123 -9.98 4.45 0.19
N VAL A 124 -9.44 3.36 0.74
CA VAL A 124 -8.98 3.38 2.13
C VAL A 124 -7.80 4.33 2.27
N ALA A 125 -6.93 4.40 1.26
CA ALA A 125 -5.80 5.31 1.33
C ALA A 125 -6.22 6.77 1.14
N ASP A 126 -7.25 7.03 0.33
CA ASP A 126 -7.71 8.39 0.16
C ASP A 126 -8.46 8.90 1.37
N VAL A 127 -9.22 8.02 2.05
CA VAL A 127 -9.91 8.43 3.27
C VAL A 127 -8.91 8.70 4.38
N ASP A 128 -7.83 7.92 4.42
CA ASP A 128 -6.76 8.18 5.38
C ASP A 128 -6.08 9.51 5.11
N THR A 129 -5.83 9.83 3.83
CA THR A 129 -5.17 11.09 3.51
C THR A 129 -6.06 12.28 3.81
N LEU A 130 -7.38 12.14 3.58
CA LEU A 130 -8.31 13.18 3.96
C LEU A 130 -8.41 13.36 5.46
N ASP A 131 -7.89 12.41 6.24
CA ASP A 131 -7.84 12.52 7.68
C ASP A 131 -6.63 13.30 8.16
N HIS A 132 -5.58 13.38 7.34
CA HIS A 132 -4.38 14.15 7.64
C HIS A 132 -4.56 15.64 7.40
N LEU A 133 -5.70 16.07 6.86
CA LEU A 133 -5.87 17.47 6.54
C LEU A 133 -5.83 18.35 7.78
N TYR A 134 -6.24 17.82 8.93
CA TYR A 134 -6.29 18.61 10.15
C TYR A 134 -4.93 18.69 10.83
N LEU A 135 -4.34 17.54 11.15
CA LEU A 135 -3.02 17.54 11.80
C LEU A 135 -1.94 18.11 10.90
N ARG A 136 -1.96 17.76 9.63
CA ARG A 136 -0.81 18.00 8.78
C ARG A 136 -0.94 19.23 7.90
N VAL A 137 -2.12 19.83 7.79
CA VAL A 137 -2.29 21.02 6.98
C VAL A 137 -2.88 22.15 7.81
N ILE A 138 -4.08 21.93 8.35
CA ILE A 138 -4.82 23.02 8.98
C ILE A 138 -4.16 23.44 10.28
N SER A 139 -3.81 22.49 11.13
CA SER A 139 -3.22 22.83 12.43
C SER A 139 -1.90 23.57 12.31
N PRO A 140 -0.94 23.15 11.46
CA PRO A 140 0.30 23.94 11.37
C PRO A 140 0.10 25.30 10.72
N LEU A 141 -0.69 25.39 9.65
CA LEU A 141 -0.85 26.65 8.93
C LEU A 141 -1.61 27.67 9.76
N VAL A 142 -2.72 27.25 10.37
CA VAL A 142 -3.51 28.17 11.17
C VAL A 142 -2.77 28.53 12.46
N GLY A 143 -2.08 27.57 13.05
CA GLY A 143 -1.31 27.85 14.25
C GLY A 143 -0.19 28.83 14.00
N ALA A 144 0.52 28.68 12.87
CA ALA A 144 1.60 29.59 12.55
C ALA A 144 1.09 31.01 12.33
N PHE A 145 -0.08 31.16 11.72
CA PHE A 145 -0.58 32.48 11.37
C PHE A 145 -0.90 33.30 12.62
N VAL A 146 -1.60 32.72 13.58
CA VAL A 146 -2.04 33.48 14.75
C VAL A 146 -0.99 33.57 15.84
N VAL A 147 0.05 32.74 15.79
CA VAL A 147 1.21 32.98 16.66
C VAL A 147 1.97 34.21 16.18
N ILE A 148 2.13 34.36 14.88
CA ILE A 148 2.78 35.55 14.34
C ILE A 148 1.97 36.80 14.66
N MET A 149 0.65 36.71 14.54
CA MET A 149 -0.20 37.86 14.80
C MET A 149 -0.29 38.22 16.28
N VAL A 150 0.09 37.31 17.18
CA VAL A 150 0.09 37.64 18.61
C VAL A 150 1.43 38.22 19.04
N VAL A 151 2.54 37.70 18.52
CA VAL A 151 3.83 38.30 18.82
C VAL A 151 4.02 39.62 18.07
N THR A 152 3.33 39.81 16.96
CA THR A 152 3.36 41.11 16.29
C THR A 152 2.53 42.13 17.04
N ILE A 153 1.36 41.73 17.54
CA ILE A 153 0.55 42.61 18.35
C ILE A 153 1.19 42.85 19.70
N GLY A 154 1.72 41.80 20.33
CA GLY A 154 2.33 41.96 21.64
C GLY A 154 3.56 42.83 21.61
N LEU A 155 4.43 42.61 20.63
CA LEU A 155 5.64 43.43 20.51
C LEU A 155 5.34 44.86 20.10
N SER A 156 4.16 45.11 19.52
CA SER A 156 3.82 46.47 19.09
C SER A 156 3.51 47.39 20.26
N PHE A 157 3.35 46.85 21.47
CA PHE A 157 3.20 47.69 22.64
C PHE A 157 4.52 48.32 23.07
N LEU A 158 5.63 47.87 22.48
CA LEU A 158 6.94 48.47 22.76
C LEU A 158 7.41 49.32 21.58
N ASP A 159 7.44 48.74 20.39
CA ASP A 159 7.85 49.48 19.19
C ASP A 159 7.04 48.97 18.01
N PHE A 160 6.53 49.90 17.20
CA PHE A 160 5.74 49.52 16.04
C PHE A 160 6.62 49.15 14.85
N THR A 161 7.66 49.93 14.58
CA THR A 161 8.52 49.65 13.43
C THR A 161 9.33 48.38 13.60
N LEU A 162 9.46 47.86 14.82
CA LEU A 162 10.14 46.60 15.07
C LEU A 162 9.19 45.41 15.09
N ALA A 163 7.98 45.60 15.61
CA ALA A 163 6.99 44.51 15.59
C ALA A 163 6.51 44.25 14.17
N PHE A 164 6.38 45.29 13.36
CA PHE A 164 5.98 45.11 11.96
C PHE A 164 7.14 44.72 11.06
N THR A 165 8.36 44.69 11.57
CA THR A 165 9.50 44.17 10.81
C THR A 165 9.69 42.68 11.07
N LEU A 166 9.71 42.28 12.34
CA LEU A 166 9.73 40.86 12.66
C LEU A 166 8.44 40.19 12.21
N GLY A 167 7.30 40.83 12.46
CA GLY A 167 6.04 40.30 11.96
C GLY A 167 5.96 40.34 10.45
N GLY A 168 6.49 41.39 9.83
CA GLY A 168 6.49 41.46 8.39
C GLY A 168 7.31 40.37 7.74
N ILE A 169 8.51 40.13 8.25
CA ILE A 169 9.36 39.07 7.72
C ILE A 169 8.70 37.72 7.94
N MET A 170 8.21 37.47 9.16
CA MET A 170 7.61 36.18 9.47
C MET A 170 6.34 35.94 8.67
N LEU A 171 5.51 36.97 8.50
CA LEU A 171 4.24 36.79 7.82
C LEU A 171 4.42 36.77 6.31
N LEU A 172 5.50 37.34 5.81
CA LEU A 172 5.76 37.30 4.37
C LEU A 172 6.23 35.93 3.93
N THR A 173 7.00 35.24 4.77
CA THR A 173 7.45 33.88 4.45
C THR A 173 6.41 32.82 4.80
N LEU A 174 5.37 33.17 5.55
CA LEU A 174 4.26 32.27 5.73
C LEU A 174 3.37 32.23 4.50
N PHE A 175 3.31 33.33 3.74
CA PHE A 175 2.41 33.44 2.61
C PHE A 175 3.10 33.31 1.27
N LEU A 176 4.39 33.58 1.18
CA LEU A 176 5.12 33.52 -0.09
C LEU A 176 5.96 32.26 -0.24
N MET A 177 6.75 31.91 0.76
CA MET A 177 7.66 30.78 0.61
C MET A 177 6.97 29.43 0.43
N PRO A 178 5.92 29.07 1.17
CA PRO A 178 5.27 27.78 0.94
C PRO A 178 4.71 27.64 -0.46
N PRO A 179 4.05 28.66 -1.02
CA PRO A 179 3.58 28.50 -2.42
C PRO A 179 4.71 28.51 -3.44
N LEU A 180 5.74 29.32 -3.23
CA LEU A 180 6.81 29.42 -4.23
C LEU A 180 7.59 28.13 -4.34
N PHE A 181 7.59 27.29 -3.30
CA PHE A 181 8.27 26.01 -3.36
C PHE A 181 7.37 24.89 -3.84
N TYR A 182 6.06 25.02 -3.66
CA TYR A 182 5.13 24.11 -4.32
C TYR A 182 5.19 24.27 -5.84
N ARG A 183 5.28 25.51 -6.32
CA ARG A 183 5.39 25.74 -7.75
C ARG A 183 6.69 25.19 -8.30
N ALA A 184 7.80 25.39 -7.58
CA ALA A 184 9.09 24.91 -8.05
C ALA A 184 9.13 23.38 -8.09
N GLY A 185 8.55 22.73 -7.10
CA GLY A 185 8.51 21.29 -7.04
C GLY A 185 7.30 20.66 -7.67
N LYS A 186 6.47 21.44 -8.37
CA LYS A 186 5.33 20.88 -9.06
C LYS A 186 5.75 20.05 -10.27
N SER A 187 6.74 20.54 -11.03
CA SER A 187 7.17 19.83 -12.23
C SER A 187 7.83 18.50 -11.88
N THR A 188 8.78 18.51 -10.95
CA THR A 188 9.47 17.28 -10.58
C THR A 188 8.64 16.40 -9.65
N GLY A 189 7.50 16.88 -9.16
CA GLY A 189 6.63 16.06 -8.35
C GLY A 189 5.64 15.23 -9.13
N GLN A 190 5.37 15.61 -10.37
CA GLN A 190 4.58 14.80 -11.28
C GLN A 190 5.45 14.00 -12.23
N ASN A 191 6.68 14.49 -12.41
CA ASN A 191 7.71 13.76 -13.19
C ASN A 191 8.21 12.63 -12.27
N LEU A 192 7.83 12.68 -10.99
CA LEU A 192 8.16 11.64 -10.03
C LEU A 192 7.12 10.52 -10.04
N THR A 193 5.84 10.89 -10.07
CA THR A 193 4.78 9.90 -10.11
C THR A 193 4.61 9.28 -11.50
N HIS A 194 5.11 9.94 -12.54
CA HIS A 194 5.17 9.32 -13.85
C HIS A 194 6.26 8.28 -13.93
N LEU A 195 7.48 8.66 -13.54
CA LEU A 195 8.62 7.76 -13.64
C LEU A 195 8.57 6.64 -12.62
N ARG A 196 7.74 6.76 -11.59
CA ARG A 196 7.60 5.68 -10.63
C ARG A 196 6.61 4.63 -11.11
N GLY A 197 5.44 5.05 -11.56
CA GLY A 197 4.47 4.13 -12.10
C GLY A 197 4.86 3.56 -13.45
N GLN A 198 5.76 4.24 -14.16
CA GLN A 198 6.32 3.66 -15.37
C GLN A 198 7.31 2.55 -15.04
N TYR A 199 8.15 2.77 -14.02
CA TYR A 199 9.06 1.72 -13.56
C TYR A 199 8.30 0.52 -13.03
N ARG A 200 7.13 0.75 -12.45
CA ARG A 200 6.36 -0.36 -11.90
C ARG A 200 5.75 -1.21 -13.01
N GLN A 201 5.31 -0.57 -14.10
CA GLN A 201 4.73 -1.35 -15.19
C GLN A 201 5.81 -2.06 -16.00
N GLN A 202 7.04 -1.56 -15.94
CA GLN A 202 8.16 -2.19 -16.68
C GLN A 202 8.74 -3.29 -15.80
N LEU A 203 8.44 -3.26 -14.50
CA LEU A 203 8.97 -4.26 -13.59
C LEU A 203 8.09 -5.51 -13.57
N THR A 204 6.76 -5.33 -13.43
CA THR A 204 5.87 -6.47 -13.47
C THR A 204 5.85 -7.11 -14.85
N ALA A 205 6.02 -6.32 -15.91
CA ALA A 205 6.17 -6.91 -17.24
C ALA A 205 7.43 -7.75 -17.32
N TRP A 206 8.52 -7.30 -16.69
CA TRP A 206 9.76 -8.05 -16.68
C TRP A 206 9.70 -9.25 -15.76
N LEU A 207 8.83 -9.22 -14.76
CA LEU A 207 8.71 -10.34 -13.83
C LEU A 207 7.69 -11.36 -14.30
N GLN A 208 6.50 -10.88 -14.66
CA GLN A 208 5.44 -11.80 -15.16
C GLN A 208 5.92 -12.47 -16.45
N GLY A 209 6.52 -11.70 -17.36
CA GLY A 209 7.00 -12.25 -18.61
C GLY A 209 8.41 -12.78 -18.51
N GLN A 210 8.78 -13.35 -17.38
CA GLN A 210 10.13 -13.85 -17.21
C GLN A 210 10.36 -15.15 -17.95
N ALA A 211 9.32 -15.96 -18.12
CA ALA A 211 9.46 -17.17 -18.92
C ALA A 211 9.58 -16.85 -20.40
N GLU A 212 8.77 -15.90 -20.88
CA GLU A 212 8.81 -15.55 -22.30
C GLU A 212 10.09 -14.81 -22.66
N LEU A 213 10.55 -13.92 -21.79
CA LEU A 213 11.75 -13.15 -22.09
C LEU A 213 13.01 -14.00 -22.06
N THR A 214 13.08 -14.94 -21.11
CA THR A 214 14.28 -15.76 -20.96
C THR A 214 14.50 -16.65 -22.17
N ILE A 215 13.42 -17.23 -22.71
CA ILE A 215 13.57 -18.18 -23.80
C ILE A 215 13.76 -17.47 -25.14
N PHE A 216 13.13 -16.32 -25.34
CA PHE A 216 13.36 -15.54 -26.55
C PHE A 216 14.57 -14.62 -26.42
N GLY A 217 15.31 -14.72 -25.31
CA GLY A 217 16.59 -14.05 -25.19
C GLY A 217 16.54 -12.56 -24.97
N ALA A 218 15.42 -12.03 -24.48
CA ALA A 218 15.26 -10.60 -24.30
C ALA A 218 15.18 -10.19 -22.83
N SER A 219 15.61 -11.07 -21.92
CA SER A 219 15.51 -10.76 -20.50
C SER A 219 16.58 -9.77 -20.06
N ASP A 220 17.64 -9.61 -20.86
CA ASP A 220 18.68 -8.64 -20.52
C ASP A 220 18.47 -7.32 -21.24
N ARG A 221 17.93 -7.35 -22.46
CA ARG A 221 17.61 -6.10 -23.16
C ARG A 221 16.50 -5.35 -22.44
N TYR A 222 15.61 -6.06 -21.75
CA TYR A 222 14.54 -5.44 -21.00
C TYR A 222 14.91 -5.20 -19.54
N ARG A 223 16.09 -5.65 -19.13
CA ARG A 223 16.58 -5.36 -17.79
C ARG A 223 17.30 -4.02 -17.77
N THR A 224 18.06 -3.70 -18.81
CA THR A 224 18.68 -2.39 -18.89
C THR A 224 17.66 -1.31 -19.19
N GLN A 225 16.59 -1.63 -19.92
CA GLN A 225 15.50 -0.69 -20.08
C GLN A 225 14.84 -0.40 -18.74
N LEU A 226 14.71 -1.42 -17.89
CA LEU A 226 14.17 -1.20 -16.56
C LEU A 226 15.14 -0.44 -15.68
N GLU A 227 16.45 -0.67 -15.87
CA GLU A 227 17.45 0.02 -15.07
C GLU A 227 17.68 1.44 -15.55
N ASN A 228 17.30 1.76 -16.79
CA ASN A 228 17.35 3.14 -17.25
C ASN A 228 16.16 3.96 -16.79
N THR A 229 15.05 3.31 -16.43
CA THR A 229 13.94 4.01 -15.81
C THR A 229 14.23 4.33 -14.35
N GLU A 230 14.96 3.45 -13.66
CA GLU A 230 15.36 3.75 -12.29
C GLU A 230 16.38 4.87 -12.26
N ILE A 231 17.31 4.88 -13.21
CA ILE A 231 18.30 5.95 -13.28
C ILE A 231 17.61 7.29 -13.49
N GLN A 232 16.58 7.31 -14.34
CA GLN A 232 15.81 8.53 -14.52
C GLN A 232 14.91 8.83 -13.33
N TRP A 233 14.46 7.79 -12.63
CA TRP A 233 13.63 7.97 -11.46
C TRP A 233 14.44 8.43 -10.26
N LEU A 234 15.71 8.03 -10.19
CA LEU A 234 16.59 8.48 -9.10
C LEU A 234 17.15 9.87 -9.34
N GLU A 235 17.07 10.39 -10.57
CA GLU A 235 17.41 11.78 -10.82
C GLU A 235 16.26 12.72 -10.53
N ALA A 236 15.02 12.23 -10.62
CA ALA A 236 13.88 13.03 -10.23
C ALA A 236 13.73 13.12 -8.72
N GLN A 237 14.15 12.07 -8.00
CA GLN A 237 14.16 12.13 -6.54
C GLN A 237 15.32 12.97 -6.03
N ARG A 238 16.45 12.97 -6.74
CA ARG A 238 17.56 13.82 -6.35
C ARG A 238 17.23 15.29 -6.56
N ARG A 239 16.52 15.61 -7.65
CA ARG A 239 16.08 16.98 -7.89
C ARG A 239 15.06 17.43 -6.86
N GLN A 240 14.29 16.50 -6.31
CA GLN A 240 13.32 16.88 -5.29
C GLN A 240 14.02 17.15 -3.96
N SER A 241 15.05 16.38 -3.62
CA SER A 241 15.79 16.62 -2.39
C SER A 241 16.69 17.85 -2.49
N GLU A 242 17.09 18.23 -3.71
CA GLU A 242 17.82 19.47 -3.90
C GLU A 242 16.93 20.69 -3.78
N LEU A 243 15.61 20.51 -3.74
CA LEU A 243 14.68 21.59 -3.41
C LEU A 243 14.31 21.61 -1.95
N THR A 244 14.24 20.45 -1.29
CA THR A 244 14.10 20.41 0.15
C THR A 244 15.35 20.96 0.84
N ALA A 245 16.52 20.73 0.23
CA ALA A 245 17.75 21.31 0.78
C ALA A 245 17.74 22.82 0.69
N LEU A 246 17.22 23.35 -0.42
CA LEU A 246 17.14 24.80 -0.57
C LEU A 246 16.08 25.40 0.33
N SER A 247 14.97 24.69 0.55
CA SER A 247 13.93 25.18 1.44
C SER A 247 14.46 25.35 2.87
N GLN A 248 15.24 24.38 3.35
CA GLN A 248 15.75 24.44 4.71
C GLN A 248 16.91 25.43 4.85
N ALA A 249 17.74 25.55 3.82
CA ALA A 249 18.80 26.56 3.85
C ALA A 249 18.24 27.97 3.82
N ILE A 250 17.17 28.19 3.06
CA ILE A 250 16.56 29.51 2.98
C ILE A 250 15.86 29.86 4.28
N MET A 251 15.14 28.91 4.87
CA MET A 251 14.46 29.17 6.14
C MET A 251 15.43 29.49 7.25
N LEU A 252 16.66 28.98 7.15
CA LEU A 252 17.67 29.32 8.15
C LEU A 252 18.23 30.71 7.93
N LEU A 253 18.19 31.21 6.69
CA LEU A 253 18.64 32.55 6.40
C LEU A 253 17.57 33.60 6.66
N ILE A 254 16.29 33.23 6.54
CA ILE A 254 15.23 34.16 6.89
C ILE A 254 15.17 34.37 8.39
N GLY A 255 15.28 33.29 9.17
CA GLY A 255 15.37 33.43 10.61
C GLY A 255 16.66 34.07 11.05
N ALA A 256 17.70 34.03 10.22
CA ALA A 256 18.93 34.77 10.49
C ALA A 256 18.77 36.25 10.19
N LEU A 257 18.04 36.58 9.12
CA LEU A 257 17.81 37.98 8.79
C LEU A 257 16.93 38.67 9.82
N ALA A 258 15.99 37.94 10.42
CA ALA A 258 15.17 38.52 11.46
C ALA A 258 16.00 38.82 12.72
N VAL A 259 16.91 37.92 13.08
CA VAL A 259 17.75 38.16 14.25
C VAL A 259 18.71 39.31 14.00
N ILE A 260 19.32 39.35 12.82
CA ILE A 260 20.27 40.41 12.50
C ILE A 260 19.58 41.76 12.49
N LEU A 261 18.39 41.85 11.89
CA LEU A 261 17.67 43.10 11.85
C LEU A 261 17.26 43.55 13.24
N MET A 262 16.79 42.63 14.08
CA MET A 262 16.42 43.00 15.44
C MET A 262 17.64 43.44 16.24
N LEU A 263 18.78 42.80 16.03
CA LEU A 263 20.00 43.23 16.70
C LEU A 263 20.38 44.65 16.28
N TRP A 264 20.25 44.95 14.99
CA TRP A 264 20.70 46.23 14.47
C TRP A 264 19.66 47.32 14.67
N MET A 265 18.40 47.04 14.33
CA MET A 265 17.37 48.07 14.40
C MET A 265 16.97 48.39 15.84
N ALA A 266 16.99 47.41 16.73
CA ALA A 266 16.64 47.67 18.12
C ALA A 266 17.80 48.23 18.92
N SER A 267 18.99 48.31 18.34
CA SER A 267 20.11 48.98 19.00
C SER A 267 19.94 50.49 18.97
N GLY A 268 19.35 51.03 17.90
CA GLY A 268 19.10 52.45 17.84
C GLY A 268 18.15 52.92 18.93
N GLY A 269 17.11 52.15 19.19
CA GLY A 269 16.17 52.46 20.24
C GLY A 269 14.87 51.71 20.10
N VAL A 270 14.34 51.21 21.21
CA VAL A 270 13.07 50.50 21.22
C VAL A 270 12.02 51.47 21.73
N GLY A 271 11.07 51.83 20.88
CA GLY A 271 10.12 52.85 21.28
C GLY A 271 10.75 54.23 21.29
N GLY A 272 10.38 55.01 22.30
CA GLY A 272 10.87 56.39 22.36
C GLY A 272 12.35 56.48 22.66
N ASN A 273 12.82 55.75 23.67
CA ASN A 273 14.14 55.99 24.23
C ASN A 273 15.24 55.35 23.38
N ALA A 274 16.34 56.07 23.26
CA ALA A 274 17.57 55.47 22.80
C ALA A 274 18.20 54.68 23.94
N GLN A 275 19.32 54.01 23.65
CA GLN A 275 20.01 53.08 24.53
C GLN A 275 19.03 52.26 25.39
N PRO A 276 18.18 51.43 24.78
CA PRO A 276 17.27 50.59 25.55
C PRO A 276 18.01 49.35 26.06
N GLY A 277 18.20 49.28 27.37
CA GLY A 277 19.07 48.26 27.93
C GLY A 277 18.57 46.85 27.73
N ALA A 278 17.49 46.48 28.40
CA ALA A 278 17.00 45.11 28.39
C ALA A 278 15.99 44.85 27.29
N LEU A 279 15.58 45.87 26.55
CA LEU A 279 14.60 45.70 25.49
C LEU A 279 15.21 45.28 24.17
N ILE A 280 16.54 45.35 24.03
CA ILE A 280 17.19 44.78 22.85
C ILE A 280 17.08 43.27 22.87
N ALA A 281 17.30 42.65 24.04
CA ALA A 281 17.26 41.21 24.14
C ALA A 281 15.84 40.66 24.14
N LEU A 282 14.85 41.49 24.40
CA LEU A 282 13.47 41.02 24.30
C LEU A 282 13.04 40.86 22.84
N PHE A 283 13.65 41.64 21.95
CA PHE A 283 13.33 41.56 20.52
C PHE A 283 14.19 40.54 19.79
N VAL A 284 15.48 40.46 20.13
CA VAL A 284 16.36 39.52 19.45
C VAL A 284 16.10 38.09 19.89
N PHE A 285 15.55 37.89 21.09
CA PHE A 285 15.20 36.56 21.54
C PHE A 285 13.81 36.14 21.14
N CYS A 286 12.93 37.10 20.81
CA CYS A 286 11.67 36.77 20.16
C CYS A 286 11.91 36.35 18.72
N ALA A 287 12.76 37.08 17.99
CA ALA A 287 13.10 36.70 16.63
C ALA A 287 13.80 35.36 16.59
N LEU A 288 14.56 35.03 17.63
CA LEU A 288 15.27 33.76 17.68
C LEU A 288 14.32 32.59 17.95
N ALA A 289 13.29 32.82 18.75
CA ALA A 289 12.36 31.76 19.13
C ALA A 289 11.13 31.65 18.24
N ALA A 290 10.76 32.72 17.54
CA ALA A 290 9.47 32.77 16.87
C ALA A 290 9.46 32.04 15.54
N PHE A 291 10.59 31.59 15.02
CA PHE A 291 10.61 30.87 13.76
C PHE A 291 10.41 29.38 13.93
N GLU A 292 10.18 28.92 15.17
CA GLU A 292 9.68 27.57 15.38
C GLU A 292 8.24 27.42 14.94
N ALA A 293 7.49 28.53 14.91
CA ALA A 293 6.12 28.51 14.41
C ALA A 293 6.09 28.17 12.93
N LEU A 294 7.07 28.66 12.18
CA LEU A 294 7.14 28.46 10.74
C LEU A 294 7.92 27.21 10.35
N ALA A 295 8.34 26.41 11.32
CA ALA A 295 9.06 25.18 10.98
C ALA A 295 8.20 24.19 10.21
N PRO A 296 6.95 23.88 10.60
CA PRO A 296 6.19 22.87 9.85
C PRO A 296 5.34 23.43 8.72
N VAL A 297 5.61 24.64 8.26
CA VAL A 297 4.62 25.34 7.45
C VAL A 297 4.74 25.04 5.97
N THR A 298 5.92 24.66 5.48
CA THR A 298 6.07 24.37 4.06
C THR A 298 5.66 22.94 3.74
N GLY A 299 5.93 22.00 4.64
CA GLY A 299 5.43 20.65 4.50
C GLY A 299 3.94 20.54 4.75
N ALA A 300 3.35 21.52 5.43
CA ALA A 300 1.91 21.55 5.59
C ALA A 300 1.22 21.98 4.31
N PHE A 301 1.77 22.98 3.62
CA PHE A 301 1.21 23.41 2.35
C PHE A 301 1.51 22.41 1.24
N GLN A 302 2.66 21.74 1.35
CA GLN A 302 3.06 20.72 0.34
C GLN A 302 2.09 19.54 0.42
N HIS A 303 1.85 19.04 1.63
CA HIS A 303 0.94 17.92 1.82
C HIS A 303 -0.49 18.25 1.41
N LEU A 304 -0.83 19.54 1.36
CA LEU A 304 -2.19 19.95 1.01
C LEU A 304 -2.54 19.53 -0.40
N GLY A 305 -1.56 19.42 -1.29
CA GLY A 305 -1.85 18.97 -2.64
C GLY A 305 -2.33 17.53 -2.68
N GLN A 306 -1.74 16.67 -1.84
CA GLN A 306 -2.18 15.29 -1.77
C GLN A 306 -3.60 15.18 -1.22
N VAL A 307 -3.96 16.05 -0.28
CA VAL A 307 -5.30 16.02 0.28
C VAL A 307 -6.33 16.45 -0.75
N ILE A 308 -5.99 17.44 -1.58
CA ILE A 308 -6.91 17.88 -2.63
C ILE A 308 -7.06 16.80 -3.68
N ALA A 309 -5.97 16.10 -4.02
CA ALA A 309 -6.06 14.99 -4.95
C ALA A 309 -6.99 13.90 -4.42
N SER A 310 -6.81 13.52 -3.14
CA SER A 310 -7.66 12.51 -2.54
C SER A 310 -9.08 13.02 -2.35
N ALA A 311 -9.25 14.33 -2.18
CA ALA A 311 -10.58 14.89 -2.04
C ALA A 311 -11.36 14.88 -3.34
N VAL A 312 -10.68 14.69 -4.47
CA VAL A 312 -11.36 14.59 -5.76
C VAL A 312 -11.70 13.15 -6.09
N ARG A 313 -10.79 12.21 -5.83
CA ARG A 313 -11.06 10.80 -6.09
C ARG A 313 -12.23 10.30 -5.26
N ILE A 314 -12.27 10.66 -3.98
CA ILE A 314 -13.39 10.25 -3.14
C ILE A 314 -14.66 10.98 -3.56
N SER A 315 -14.54 12.25 -3.95
CA SER A 315 -15.73 13.01 -4.29
C SER A 315 -16.32 12.61 -5.63
N ASP A 316 -15.48 12.33 -6.63
CA ASP A 316 -16.03 11.94 -7.92
C ASP A 316 -16.56 10.50 -7.91
N LEU A 317 -16.11 9.69 -6.95
CA LEU A 317 -16.57 8.31 -6.86
C LEU A 317 -17.87 8.21 -6.09
N THR A 318 -18.02 8.95 -5.00
CA THR A 318 -19.22 8.90 -4.18
C THR A 318 -20.30 9.85 -4.63
N ASP A 319 -20.05 10.67 -5.65
CA ASP A 319 -21.07 11.54 -6.22
C ASP A 319 -21.64 11.00 -7.52
N GLN A 320 -21.34 9.75 -7.86
CA GLN A 320 -22.00 9.10 -8.97
C GLN A 320 -23.47 8.88 -8.66
N LYS A 321 -24.24 8.50 -9.68
CA LYS A 321 -25.70 8.28 -9.50
C LYS A 321 -26.00 6.78 -9.39
N PRO A 322 -26.84 6.34 -8.43
CA PRO A 322 -27.19 4.93 -8.31
C PRO A 322 -28.05 4.53 -9.51
N GLU A 323 -27.70 3.42 -10.17
CA GLU A 323 -28.43 2.97 -11.35
C GLU A 323 -29.91 2.77 -11.05
N VAL A 324 -30.22 2.24 -9.88
CA VAL A 324 -31.59 1.89 -9.52
C VAL A 324 -32.05 2.79 -8.39
N THR A 325 -33.35 3.10 -8.40
CA THR A 325 -34.00 3.86 -7.34
C THR A 325 -35.11 3.01 -6.75
N PHE A 326 -35.10 2.83 -5.44
CA PHE A 326 -36.11 2.03 -4.76
C PHE A 326 -37.18 2.95 -4.22
N PRO A 327 -38.45 2.75 -4.57
CA PRO A 327 -39.51 3.59 -4.01
C PRO A 327 -39.94 3.09 -2.65
N ASP A 328 -40.09 4.03 -1.71
CA ASP A 328 -40.43 3.70 -0.33
C ASP A 328 -41.95 3.53 -0.19
N THR A 329 -42.48 2.55 -0.92
CA THR A 329 -43.90 2.27 -0.90
C THR A 329 -44.33 1.52 0.35
N GLN A 330 -43.39 0.99 1.13
CA GLN A 330 -43.68 0.24 2.35
C GLN A 330 -44.63 -0.91 2.07
N THR A 331 -44.34 -1.66 1.01
CA THR A 331 -45.08 -2.88 0.71
C THR A 331 -44.65 -3.99 1.67
N ARG A 332 -45.62 -4.72 2.19
CA ARG A 332 -45.33 -5.83 3.08
C ARG A 332 -44.59 -6.94 2.33
N VAL A 333 -43.81 -7.72 3.07
CA VAL A 333 -43.05 -8.80 2.48
C VAL A 333 -44.01 -9.87 1.96
N ALA A 334 -43.77 -10.33 0.73
CA ALA A 334 -44.60 -11.37 0.15
C ALA A 334 -44.15 -12.74 0.62
N ASP A 335 -45.02 -13.72 0.43
CA ASP A 335 -44.72 -15.11 0.75
C ASP A 335 -45.10 -16.00 -0.42
N ARG A 336 -44.31 -17.05 -0.62
CA ARG A 336 -44.51 -18.01 -1.70
C ARG A 336 -44.56 -17.29 -3.05
N VAL A 337 -43.51 -16.52 -3.33
CA VAL A 337 -43.49 -15.69 -4.52
C VAL A 337 -43.35 -16.57 -5.76
N SER A 338 -43.90 -16.10 -6.87
CA SER A 338 -43.87 -16.80 -8.14
C SER A 338 -43.27 -15.87 -9.17
N LEU A 339 -41.95 -15.94 -9.34
CA LEU A 339 -41.26 -15.07 -10.28
C LEU A 339 -41.74 -15.33 -11.70
N THR A 340 -42.23 -14.28 -12.35
CA THR A 340 -42.59 -14.33 -13.77
C THR A 340 -41.75 -13.31 -14.52
N LEU A 341 -41.28 -13.69 -15.70
CA LEU A 341 -40.26 -12.94 -16.42
C LEU A 341 -40.62 -12.94 -17.90
N ARG A 342 -40.65 -11.78 -18.53
CA ARG A 342 -41.03 -11.68 -19.93
C ARG A 342 -40.14 -10.68 -20.66
N ASP A 343 -39.59 -11.13 -21.79
CA ASP A 343 -38.85 -10.26 -22.72
C ASP A 343 -37.68 -9.57 -22.04
N VAL A 344 -37.01 -10.27 -21.12
CA VAL A 344 -35.87 -9.70 -20.43
C VAL A 344 -34.58 -10.32 -20.93
N GLY A 358 -33.76 -11.26 -25.25
CA GLY A 358 -35.10 -11.05 -24.71
C GLY A 358 -35.77 -12.32 -24.24
N ILE A 359 -35.21 -12.92 -23.19
CA ILE A 359 -35.71 -14.19 -22.66
C ILE A 359 -37.02 -13.96 -21.93
N SER A 360 -37.83 -15.00 -21.87
CA SER A 360 -39.08 -14.99 -21.11
C SER A 360 -39.27 -16.36 -20.48
N LEU A 361 -39.58 -16.38 -19.20
CA LEU A 361 -39.72 -17.63 -18.46
C LEU A 361 -40.51 -17.36 -17.19
N GLN A 362 -41.47 -18.24 -16.89
CA GLN A 362 -42.34 -18.10 -15.75
C GLN A 362 -42.03 -19.19 -14.74
N VAL A 363 -41.78 -18.81 -13.49
CA VAL A 363 -41.47 -19.73 -12.41
C VAL A 363 -42.61 -19.69 -11.41
N ASN A 364 -43.29 -20.81 -11.23
CA ASN A 364 -44.39 -20.84 -10.29
C ASN A 364 -43.86 -20.80 -8.86
N ALA A 365 -44.79 -20.82 -7.89
CA ALA A 365 -44.43 -20.49 -6.52
C ALA A 365 -43.73 -21.63 -5.80
N GLY A 366 -43.46 -22.73 -6.49
CA GLY A 366 -42.73 -23.82 -5.86
C GLY A 366 -41.72 -24.50 -6.77
N GLU A 367 -41.61 -24.03 -8.01
CA GLU A 367 -40.79 -24.71 -9.00
C GLU A 367 -39.31 -24.50 -8.75
N HIS A 368 -38.53 -25.56 -8.96
CA HIS A 368 -37.08 -25.53 -8.84
C HIS A 368 -36.50 -25.46 -10.26
N ILE A 369 -36.37 -24.26 -10.78
CA ILE A 369 -35.85 -24.06 -12.13
C ILE A 369 -34.33 -24.22 -12.12
N ALA A 370 -33.80 -24.86 -13.15
CA ALA A 370 -32.37 -24.96 -13.37
C ALA A 370 -32.07 -24.39 -14.75
N ILE A 371 -31.04 -23.54 -14.83
CA ILE A 371 -30.68 -22.86 -16.08
C ILE A 371 -29.31 -23.34 -16.49
N LEU A 372 -29.22 -23.92 -17.69
CA LEU A 372 -27.98 -24.49 -18.21
C LEU A 372 -27.36 -23.52 -19.20
N GLY A 373 -26.73 -22.47 -18.68
CA GLY A 373 -25.96 -21.58 -19.52
C GLY A 373 -24.66 -22.25 -19.96
N ARG A 374 -24.27 -21.96 -21.21
CA ARG A 374 -23.05 -22.54 -21.74
C ARG A 374 -21.83 -22.00 -21.01
N THR A 375 -20.81 -22.83 -20.89
CA THR A 375 -19.59 -22.46 -20.18
C THR A 375 -18.86 -21.32 -20.89
N GLY A 378 -17.80 -15.31 -15.04
CA GLY A 378 -18.15 -14.19 -14.20
C GLY A 378 -19.47 -14.35 -13.48
N LYS A 379 -19.93 -13.28 -12.84
CA LYS A 379 -21.21 -13.32 -12.13
C LYS A 379 -22.36 -13.36 -13.12
N SER A 380 -23.41 -14.09 -12.77
CA SER A 380 -24.53 -14.29 -13.69
C SER A 380 -25.29 -13.00 -13.89
N THR A 381 -25.62 -12.70 -15.15
CA THR A 381 -26.32 -11.47 -15.47
C THR A 381 -27.80 -11.53 -15.11
N LEU A 382 -28.40 -12.71 -15.20
CA LEU A 382 -29.83 -12.82 -14.88
C LEU A 382 -30.09 -12.60 -13.39
N LEU A 383 -29.17 -13.03 -12.54
CA LEU A 383 -29.35 -12.85 -11.10
C LEU A 383 -29.05 -11.42 -10.65
N GLN A 384 -28.24 -10.68 -11.41
CA GLN A 384 -28.02 -9.28 -11.09
C GLN A 384 -29.29 -8.47 -11.25
N GLN A 385 -30.09 -8.77 -12.28
CA GLN A 385 -31.32 -8.03 -12.51
C GLN A 385 -32.40 -8.41 -11.52
N LEU A 386 -32.36 -9.63 -10.99
CA LEU A 386 -33.37 -10.06 -10.03
C LEU A 386 -33.14 -9.41 -8.67
N THR A 387 -31.88 -9.24 -8.28
CA THR A 387 -31.54 -8.49 -7.08
C THR A 387 -31.45 -6.99 -7.35
N ARG A 388 -31.90 -6.54 -8.52
CA ARG A 388 -31.99 -5.13 -8.88
C ARG A 388 -30.63 -4.44 -8.81
N ALA A 389 -29.60 -5.15 -9.27
CA ALA A 389 -28.25 -4.53 -9.35
C ALA A 389 -28.38 -3.35 -10.32
N TRP A 390 -29.15 -3.57 -11.39
CA TRP A 390 -29.46 -2.54 -12.42
C TRP A 390 -30.78 -2.92 -13.10
N ASP A 391 -31.53 -1.92 -13.55
CA ASP A 391 -32.82 -2.16 -14.22
C ASP A 391 -32.60 -2.70 -15.62
N PRO A 392 -33.47 -3.59 -16.09
CA PRO A 392 -33.34 -4.10 -17.45
C PRO A 392 -33.70 -3.05 -18.47
N GLN A 393 -33.09 -3.15 -19.65
CA GLN A 393 -33.34 -2.20 -20.72
C GLN A 393 -34.51 -2.60 -21.61
N GLN A 394 -34.89 -3.87 -21.62
CA GLN A 394 -35.85 -4.38 -22.61
C GLN A 394 -37.20 -4.74 -22.03
N GLY A 395 -37.26 -5.61 -21.01
CA GLY A 395 -38.51 -6.16 -20.53
C GLY A 395 -38.80 -5.76 -19.11
N GLU A 396 -39.80 -6.43 -18.54
CA GLU A 396 -40.24 -6.20 -17.17
C GLU A 396 -40.11 -7.47 -16.36
N ILE A 397 -39.67 -7.32 -15.11
CA ILE A 397 -39.51 -8.43 -14.18
C ILE A 397 -40.56 -8.29 -13.09
N LEU A 398 -41.29 -9.36 -12.82
CA LEU A 398 -42.38 -9.31 -11.85
C LEU A 398 -42.19 -10.41 -10.83
N LEU A 399 -42.16 -10.03 -9.56
CA LEU A 399 -42.17 -10.98 -8.44
C LEU A 399 -43.58 -11.04 -7.88
N ASN A 400 -44.20 -12.22 -8.00
CA ASN A 400 -45.54 -12.45 -7.47
C ASN A 400 -46.54 -11.46 -8.06
N ASP A 401 -46.68 -11.52 -9.39
CA ASP A 401 -47.63 -10.71 -10.17
C ASP A 401 -47.60 -9.23 -9.79
N SER A 402 -46.43 -8.74 -9.37
CA SER A 402 -46.20 -7.33 -9.10
C SER A 402 -44.84 -6.97 -9.67
N PRO A 403 -44.70 -5.78 -10.27
CA PRO A 403 -43.41 -5.42 -10.88
C PRO A 403 -42.30 -5.39 -9.84
N ILE A 404 -41.09 -5.74 -10.29
CA ILE A 404 -39.96 -5.81 -9.38
C ILE A 404 -39.61 -4.43 -8.84
N ALA A 405 -39.78 -3.38 -9.65
CA ALA A 405 -39.45 -2.03 -9.23
C ALA A 405 -40.43 -1.47 -8.20
N SER A 406 -41.54 -2.15 -7.95
CA SER A 406 -42.54 -1.65 -7.00
C SER A 406 -42.18 -1.96 -5.56
N LEU A 407 -41.15 -2.77 -5.31
CA LEU A 407 -40.77 -3.16 -3.97
C LEU A 407 -39.63 -2.31 -3.47
N ASN A 408 -39.76 -1.78 -2.25
CA ASN A 408 -38.68 -1.03 -1.66
C ASN A 408 -37.49 -1.96 -1.37
N GLU A 409 -36.37 -1.36 -0.97
CA GLU A 409 -35.17 -2.15 -0.73
C GLU A 409 -35.37 -3.13 0.41
N ALA A 410 -36.06 -2.72 1.47
CA ALA A 410 -36.22 -3.59 2.62
C ALA A 410 -37.00 -4.86 2.28
N ALA A 411 -38.06 -4.72 1.47
CA ALA A 411 -38.84 -5.89 1.09
C ALA A 411 -38.18 -6.70 -0.02
N LEU A 412 -37.45 -6.04 -0.92
CA LEU A 412 -36.75 -6.77 -1.97
C LEU A 412 -35.68 -7.68 -1.39
N ARG A 413 -34.95 -7.19 -0.39
CA ARG A 413 -33.95 -8.02 0.28
C ARG A 413 -34.56 -9.11 1.14
N GLN A 414 -35.88 -9.08 1.35
CA GLN A 414 -36.54 -10.06 2.19
C GLN A 414 -37.32 -11.11 1.41
N THR A 415 -37.70 -10.82 0.17
CA THR A 415 -38.35 -11.81 -0.68
C THR A 415 -37.38 -12.54 -1.60
N ILE A 416 -36.08 -12.26 -1.49
CA ILE A 416 -35.07 -12.91 -2.31
C ILE A 416 -33.90 -13.29 -1.42
N SER A 417 -33.44 -14.53 -1.54
CA SER A 417 -32.33 -15.05 -0.74
C SER A 417 -31.32 -15.64 -1.71
N VAL A 418 -30.36 -14.84 -2.15
CA VAL A 418 -29.38 -15.22 -3.16
C VAL A 418 -28.12 -15.73 -2.48
N VAL A 419 -27.54 -16.77 -3.04
CA VAL A 419 -26.17 -17.19 -2.71
C VAL A 419 -25.25 -16.62 -3.79
N PRO A 420 -24.22 -15.87 -3.44
CA PRO A 420 -23.32 -15.35 -4.46
C PRO A 420 -22.41 -16.46 -4.97
N GLN A 421 -21.88 -16.24 -6.18
CA GLN A 421 -20.83 -17.13 -6.65
C GLN A 421 -19.54 -16.91 -5.88
N ARG A 422 -19.31 -15.65 -5.52
CA ARG A 422 -18.13 -15.25 -4.71
C ARG A 422 -18.59 -15.09 -3.27
N VAL A 423 -18.43 -16.14 -2.45
CA VAL A 423 -18.84 -16.07 -1.05
C VAL A 423 -17.84 -15.18 -0.32
N HIS A 424 -18.35 -14.14 0.34
CA HIS A 424 -17.50 -13.23 1.08
C HIS A 424 -17.45 -13.66 2.54
N LEU A 425 -16.25 -13.89 3.04
CA LEU A 425 -16.03 -14.28 4.43
C LEU A 425 -15.59 -13.02 5.18
N PHE A 426 -16.53 -12.41 5.89
CA PHE A 426 -16.22 -11.21 6.64
C PHE A 426 -15.23 -11.52 7.76
N SER A 427 -14.47 -10.51 8.15
CA SER A 427 -13.44 -10.71 9.14
C SER A 427 -13.99 -11.03 10.52
N ALA A 428 -15.29 -10.87 10.73
CA ALA A 428 -15.86 -11.01 12.07
C ALA A 428 -15.86 -12.48 12.49
N THR A 429 -16.46 -12.76 13.65
CA THR A 429 -16.53 -14.11 14.16
C THR A 429 -17.43 -14.97 13.27
N LEU A 430 -17.48 -16.26 13.59
CA LEU A 430 -18.40 -17.15 12.87
C LEU A 430 -19.84 -16.81 13.18
N ARG A 431 -20.12 -16.27 14.36
CA ARG A 431 -21.49 -15.89 14.69
C ARG A 431 -21.94 -14.70 13.85
N ASP A 432 -21.07 -13.72 13.63
CA ASP A 432 -21.44 -12.53 12.87
C ASP A 432 -21.38 -12.74 11.37
N ASN A 433 -20.78 -13.85 10.91
CA ASN A 433 -20.92 -14.23 9.52
C ASN A 433 -22.24 -14.93 9.24
N LEU A 434 -22.92 -15.40 10.28
CA LEU A 434 -24.25 -15.99 10.15
C LEU A 434 -25.36 -15.06 10.59
N LEU A 435 -25.11 -14.21 11.59
CA LEU A 435 -26.08 -13.18 11.95
C LEU A 435 -26.21 -12.12 10.86
N LEU A 436 -25.30 -12.10 9.90
CA LEU A 436 -25.45 -11.27 8.71
C LEU A 436 -26.76 -11.60 7.99
N ALA A 437 -27.05 -12.89 7.83
CA ALA A 437 -28.26 -13.31 7.13
C ALA A 437 -29.51 -12.93 7.92
N SER A 438 -29.56 -13.31 9.20
CA SER A 438 -30.71 -13.01 10.06
C SER A 438 -30.20 -12.44 11.38
N PRO A 439 -30.30 -11.13 11.59
CA PRO A 439 -29.78 -10.55 12.84
C PRO A 439 -30.45 -11.08 14.09
N GLY A 440 -31.75 -11.40 14.03
CA GLY A 440 -32.49 -11.71 15.24
C GLY A 440 -32.39 -13.15 15.71
N SER A 441 -31.79 -14.03 14.92
CA SER A 441 -31.78 -15.45 15.27
C SER A 441 -30.98 -15.68 16.55
N SER A 442 -31.44 -16.65 17.34
CA SER A 442 -30.78 -16.98 18.59
C SER A 442 -29.46 -17.71 18.33
N ASP A 443 -28.73 -18.00 19.41
CA ASP A 443 -27.45 -18.67 19.27
C ASP A 443 -27.61 -20.15 18.92
N GLU A 444 -28.66 -20.79 19.43
CA GLU A 444 -28.87 -22.20 19.13
C GLU A 444 -29.26 -22.41 17.66
N ALA A 445 -30.03 -21.47 17.10
CA ALA A 445 -30.42 -21.58 15.70
C ALA A 445 -29.20 -21.61 14.78
N LEU A 446 -28.19 -20.79 15.10
CA LEU A 446 -26.95 -20.83 14.33
C LEU A 446 -26.26 -22.17 14.47
N SER A 447 -26.38 -22.81 15.64
CA SER A 447 -25.77 -24.12 15.84
C SER A 447 -26.57 -25.22 15.17
N GLU A 448 -27.89 -25.12 15.17
CA GLU A 448 -28.72 -26.15 14.53
C GLU A 448 -28.50 -26.18 13.03
N ILE A 449 -28.35 -25.01 12.40
CA ILE A 449 -28.24 -24.95 10.96
C ILE A 449 -26.80 -25.14 10.48
N LEU A 450 -25.81 -24.89 11.33
CA LEU A 450 -24.44 -25.19 10.96
C LEU A 450 -24.18 -26.69 10.94
N ARG A 451 -25.03 -27.48 11.59
CA ARG A 451 -24.95 -28.94 11.54
C ARG A 451 -25.66 -29.48 10.32
N ARG A 452 -26.93 -29.07 10.14
CA ARG A 452 -27.76 -29.53 9.01
C ARG A 452 -27.02 -29.31 7.69
N VAL A 453 -26.27 -28.22 7.57
CA VAL A 453 -25.59 -27.92 6.31
C VAL A 453 -24.32 -28.75 6.16
N GLY A 454 -23.82 -29.32 7.24
CA GLY A 454 -22.59 -30.09 7.20
C GLY A 454 -21.35 -29.33 7.63
N LEU A 455 -21.50 -28.16 8.24
CA LEU A 455 -20.37 -27.36 8.71
C LEU A 455 -20.08 -27.77 10.14
N GLU A 456 -19.46 -28.94 10.28
CA GLU A 456 -19.22 -29.53 11.60
C GLU A 456 -17.92 -29.04 12.21
N LYS A 457 -16.83 -29.01 11.44
CA LYS A 457 -15.54 -28.60 11.96
C LYS A 457 -15.55 -27.18 12.51
N LEU A 458 -16.51 -26.36 12.09
CA LEU A 458 -16.56 -24.98 12.58
C LEU A 458 -17.01 -24.93 14.03
N LEU A 459 -18.01 -25.74 14.40
CA LEU A 459 -18.56 -25.69 15.74
C LEU A 459 -17.60 -26.20 16.82
N GLU A 460 -16.53 -26.88 16.44
CA GLU A 460 -15.62 -27.44 17.43
C GLU A 460 -14.76 -26.33 18.06
N ASP A 461 -14.23 -26.65 19.25
CA ASP A 461 -13.43 -25.74 20.08
C ASP A 461 -13.99 -24.31 20.09
N ALA A 462 -15.27 -24.21 20.47
CA ALA A 462 -15.96 -22.92 20.61
C ALA A 462 -15.83 -22.08 19.34
N GLY A 463 -16.40 -22.62 18.26
CA GLY A 463 -16.23 -22.01 16.95
C GLY A 463 -17.12 -20.81 16.69
N LEU A 464 -18.27 -20.74 17.37
CA LEU A 464 -19.17 -19.61 17.14
C LEU A 464 -18.53 -18.28 17.55
N ASN A 465 -17.46 -18.32 18.33
CA ASN A 465 -16.67 -17.13 18.64
C ASN A 465 -15.34 -17.13 17.91
N SER A 466 -15.09 -18.11 17.06
CA SER A 466 -13.82 -18.17 16.34
C SER A 466 -13.77 -17.09 15.27
N TRP A 467 -12.59 -16.51 15.09
CA TRP A 467 -12.41 -15.45 14.10
C TRP A 467 -12.20 -16.07 12.73
N LEU A 468 -13.06 -15.70 11.78
CA LEU A 468 -12.94 -16.12 10.40
C LEU A 468 -12.44 -14.97 9.55
N GLY A 469 -12.20 -15.26 8.28
CA GLY A 469 -11.76 -14.22 7.38
C GLY A 469 -10.33 -13.78 7.68
N GLU A 470 -10.03 -12.55 7.29
CA GLU A 470 -8.69 -12.00 7.46
C GLU A 470 -8.36 -11.87 8.93
N GLY A 471 -7.17 -12.32 9.31
CA GLY A 471 -6.77 -12.37 10.70
C GLY A 471 -7.23 -13.60 11.44
N GLY A 472 -7.95 -14.51 10.78
CA GLY A 472 -8.43 -15.73 11.40
C GLY A 472 -8.36 -16.89 10.44
N ARG A 473 -9.06 -17.98 10.75
CA ARG A 473 -8.98 -19.17 9.92
C ARG A 473 -9.73 -18.95 8.60
N GLN A 474 -9.15 -19.49 7.53
CA GLN A 474 -9.72 -19.40 6.20
C GLN A 474 -10.49 -20.68 5.88
N LEU A 475 -11.69 -20.53 5.35
CA LEU A 475 -12.47 -21.69 4.94
C LEU A 475 -12.07 -22.11 3.53
N SER A 476 -12.38 -23.35 3.19
CA SER A 476 -12.05 -23.91 1.89
C SER A 476 -13.19 -23.68 0.90
N GLY A 477 -12.90 -23.95 -0.38
CA GLY A 477 -13.88 -23.70 -1.42
C GLY A 477 -15.17 -24.47 -1.22
N GLY A 478 -15.06 -25.74 -0.84
CA GLY A 478 -16.26 -26.52 -0.54
C GLY A 478 -16.85 -26.25 0.81
N GLU A 479 -16.13 -25.53 1.66
CA GLU A 479 -16.61 -25.17 2.99
C GLU A 479 -17.18 -23.76 3.01
N LEU A 480 -16.71 -22.89 2.11
CA LEU A 480 -17.36 -21.61 1.90
C LEU A 480 -18.74 -21.78 1.28
N ARG A 481 -18.86 -22.70 0.31
CA ARG A 481 -20.14 -22.92 -0.35
C ARG A 481 -21.22 -23.37 0.63
N ARG A 482 -20.83 -24.08 1.68
CA ARG A 482 -21.78 -24.43 2.72
C ARG A 482 -22.13 -23.25 3.61
N LEU A 483 -21.25 -22.26 3.71
CA LEU A 483 -21.56 -21.06 4.49
C LEU A 483 -22.53 -20.17 3.76
N ALA A 484 -22.38 -20.03 2.44
CA ALA A 484 -23.34 -19.23 1.66
C ALA A 484 -24.73 -19.83 1.73
N ILE A 485 -24.83 -21.15 1.64
CA ILE A 485 -26.13 -21.80 1.77
C ILE A 485 -26.64 -21.70 3.20
N ALA A 486 -25.74 -21.63 4.18
CA ALA A 486 -26.16 -21.45 5.56
C ALA A 486 -26.80 -20.07 5.77
N ARG A 487 -26.23 -19.03 5.16
CA ARG A 487 -26.85 -17.72 5.23
C ARG A 487 -28.18 -17.69 4.49
N ALA A 488 -28.22 -18.29 3.29
CA ALA A 488 -29.45 -18.27 2.51
C ALA A 488 -30.58 -19.02 3.18
N LEU A 489 -30.27 -19.95 4.07
CA LEU A 489 -31.29 -20.69 4.81
C LEU A 489 -31.71 -19.98 6.08
N LEU A 490 -30.75 -19.36 6.78
CA LEU A 490 -31.11 -18.54 7.94
C LEU A 490 -31.93 -17.33 7.51
N HIS A 491 -31.50 -16.66 6.45
CA HIS A 491 -32.26 -15.56 5.86
C HIS A 491 -33.27 -16.16 4.87
N ASP A 492 -34.21 -16.91 5.44
CA ASP A 492 -35.16 -17.63 4.60
C ASP A 492 -36.05 -16.64 3.85
N ALA A 493 -36.26 -16.91 2.57
CA ALA A 493 -37.06 -16.07 1.71
C ALA A 493 -37.78 -16.96 0.71
N PRO A 494 -38.94 -16.52 0.21
CA PRO A 494 -39.67 -17.37 -0.76
C PRO A 494 -38.86 -17.69 -2.00
N LEU A 495 -38.05 -16.77 -2.48
CA LEU A 495 -37.28 -16.95 -3.72
C LEU A 495 -35.81 -17.09 -3.38
N VAL A 496 -35.18 -18.14 -3.89
CA VAL A 496 -33.76 -18.40 -3.67
C VAL A 496 -33.08 -18.47 -5.03
N LEU A 497 -32.04 -17.66 -5.21
CA LEU A 497 -31.32 -17.55 -6.48
C LEU A 497 -29.94 -18.16 -6.31
N LEU A 498 -29.82 -19.44 -6.63
CA LEU A 498 -28.52 -20.08 -6.63
C LEU A 498 -27.69 -19.57 -7.80
N ASP A 499 -26.38 -19.49 -7.61
CA ASP A 499 -25.47 -18.98 -8.63
C ASP A 499 -24.28 -19.93 -8.73
N GLN A 500 -24.41 -20.95 -9.58
CA GLN A 500 -23.40 -21.98 -9.75
C GLN A 500 -22.91 -22.53 -8.41
N PRO A 501 -23.81 -23.04 -7.57
CA PRO A 501 -23.37 -23.51 -6.24
C PRO A 501 -22.36 -24.64 -6.31
N THR A 502 -22.48 -25.51 -7.32
CA THR A 502 -21.54 -26.61 -7.53
C THR A 502 -20.65 -26.22 -8.70
N GLU A 503 -19.54 -25.55 -8.39
CA GLU A 503 -18.59 -25.11 -9.39
C GLU A 503 -17.19 -25.17 -8.79
N GLY A 504 -16.30 -25.89 -9.45
CA GLY A 504 -15.00 -26.15 -8.86
C GLY A 504 -15.11 -26.87 -7.54
N LEU A 505 -16.07 -27.79 -7.43
CA LEU A 505 -16.43 -28.43 -6.18
C LEU A 505 -16.16 -29.92 -6.27
N ASP A 506 -15.81 -30.52 -5.13
CA ASP A 506 -15.54 -31.94 -5.09
C ASP A 506 -16.81 -32.73 -5.37
N ALA A 507 -16.66 -33.83 -6.12
CA ALA A 507 -17.82 -34.64 -6.46
C ALA A 507 -18.45 -35.28 -5.24
N THR A 508 -17.64 -35.61 -4.23
CA THR A 508 -18.20 -36.21 -3.02
C THR A 508 -19.02 -35.21 -2.22
N THR A 509 -18.78 -33.91 -2.41
CA THR A 509 -19.55 -32.87 -1.74
C THR A 509 -20.51 -32.15 -2.67
N GLU A 510 -20.29 -32.20 -3.98
CA GLU A 510 -21.24 -31.61 -4.92
C GLU A 510 -22.60 -32.28 -4.82
N SER A 511 -22.62 -33.60 -4.61
CA SER A 511 -23.88 -34.29 -4.39
C SER A 511 -24.53 -33.84 -3.09
N GLN A 512 -23.72 -33.59 -2.06
CA GLN A 512 -24.27 -33.12 -0.79
C GLN A 512 -24.90 -31.75 -0.94
N ILE A 513 -24.24 -30.85 -1.68
CA ILE A 513 -24.79 -29.51 -1.91
C ILE A 513 -26.11 -29.61 -2.66
N LEU A 514 -26.15 -30.41 -3.72
CA LEU A 514 -27.38 -30.58 -4.48
C LEU A 514 -28.46 -31.25 -3.65
N GLU A 515 -28.09 -32.26 -2.86
CA GLU A 515 -29.06 -32.87 -1.95
C GLU A 515 -29.49 -31.89 -0.86
N LEU A 516 -28.56 -31.04 -0.42
CA LEU A 516 -28.93 -29.98 0.52
C LEU A 516 -29.93 -29.02 -0.10
N LEU A 517 -29.73 -28.68 -1.37
CA LEU A 517 -30.64 -27.79 -2.08
C LEU A 517 -32.03 -28.41 -2.18
N ALA A 518 -32.10 -29.72 -2.45
CA ALA A 518 -33.38 -30.34 -2.75
C ALA A 518 -34.24 -30.49 -1.51
N GLU A 519 -33.64 -30.84 -0.38
CA GLU A 519 -34.40 -31.09 0.84
C GLU A 519 -34.54 -29.87 1.75
N MET A 520 -33.48 -29.07 1.87
CA MET A 520 -33.51 -27.89 2.77
C MET A 520 -34.43 -26.79 2.22
N MET A 521 -34.38 -26.58 0.91
CA MET A 521 -35.12 -25.52 0.23
C MET A 521 -36.26 -26.09 -0.61
N ARG A 522 -36.91 -27.14 -0.12
CA ARG A 522 -37.94 -27.80 -0.91
C ARG A 522 -39.15 -26.89 -1.13
N GLU A 523 -39.60 -26.21 -0.08
CA GLU A 523 -40.78 -25.36 -0.19
C GLU A 523 -40.35 -23.91 -0.42
N LYS A 524 -39.60 -23.72 -1.50
CA LYS A 524 -39.13 -22.40 -1.90
C LYS A 524 -39.01 -22.35 -3.42
N THR A 525 -39.05 -21.14 -3.96
CA THR A 525 -38.98 -20.93 -5.40
C THR A 525 -37.51 -20.83 -5.85
N VAL A 526 -36.85 -21.98 -5.83
CA VAL A 526 -35.43 -22.03 -6.17
C VAL A 526 -35.24 -21.79 -7.66
N LEU A 527 -34.34 -20.87 -8.01
CA LEU A 527 -33.91 -20.67 -9.38
C LEU A 527 -32.39 -20.76 -9.41
N MET A 528 -31.86 -21.63 -10.25
CA MET A 528 -30.46 -22.03 -10.20
C MET A 528 -29.83 -21.83 -11.57
N VAL A 529 -28.66 -21.20 -11.59
CA VAL A 529 -27.92 -20.93 -12.82
C VAL A 529 -26.62 -21.70 -12.77
N THR A 530 -26.45 -22.67 -13.65
CA THR A 530 -25.27 -23.53 -13.64
C THR A 530 -24.85 -23.86 -15.06
N HIS A 531 -23.70 -24.54 -15.15
CA HIS A 531 -23.20 -25.12 -16.38
C HIS A 531 -22.77 -26.58 -16.17
N ARG A 532 -23.19 -27.18 -15.06
CA ARG A 532 -22.88 -28.56 -14.74
C ARG A 532 -24.16 -29.38 -14.72
N LEU A 533 -24.10 -30.57 -15.31
CA LEU A 533 -25.27 -31.38 -15.57
C LEU A 533 -25.67 -32.31 -14.43
N ARG A 534 -24.86 -32.41 -13.39
CA ARG A 534 -25.13 -33.37 -12.33
C ARG A 534 -26.37 -32.99 -11.53
N GLY A 535 -27.21 -33.98 -11.25
CA GLY A 535 -28.34 -33.81 -10.35
C GLY A 535 -29.43 -32.88 -10.86
N LEU A 536 -29.70 -32.88 -12.15
CA LEU A 536 -30.76 -32.06 -12.71
C LEU A 536 -32.09 -32.80 -12.83
N SER A 537 -32.14 -34.08 -12.42
CA SER A 537 -33.36 -34.84 -12.56
C SER A 537 -34.43 -34.41 -11.56
N ARG A 538 -34.04 -33.80 -10.45
CA ARG A 538 -35.00 -33.33 -9.45
C ARG A 538 -35.43 -31.88 -9.70
N PHE A 539 -35.00 -31.27 -10.80
CA PHE A 539 -35.31 -29.88 -11.09
C PHE A 539 -36.45 -29.83 -12.08
N GLN A 540 -37.55 -29.21 -11.69
CA GLN A 540 -38.67 -29.00 -12.60
C GLN A 540 -38.29 -27.97 -13.66
N GLN A 541 -38.69 -28.23 -14.90
CA GLN A 541 -38.60 -27.25 -15.99
C GLN A 541 -37.16 -26.78 -16.20
N ILE A 542 -36.29 -27.73 -16.54
CA ILE A 542 -34.91 -27.39 -16.89
C ILE A 542 -34.91 -26.48 -18.10
N ILE A 543 -34.10 -25.43 -18.05
CA ILE A 543 -34.00 -24.44 -19.12
C ILE A 543 -32.56 -24.40 -19.59
N VAL A 544 -32.36 -24.51 -20.89
CA VAL A 544 -31.04 -24.35 -21.50
C VAL A 544 -30.98 -22.98 -22.16
N MET A 545 -29.90 -22.25 -21.89
CA MET A 545 -29.75 -20.86 -22.33
C MET A 545 -28.42 -20.72 -23.06
N ASP A 546 -28.48 -20.17 -24.28
CA ASP A 546 -27.29 -19.91 -25.08
C ASP A 546 -27.33 -18.47 -25.58
N ASN A 547 -26.26 -17.73 -25.32
CA ASN A 547 -26.12 -16.34 -25.78
C ASN A 547 -27.33 -15.51 -25.36
N GLY A 548 -27.84 -15.75 -24.16
CA GLY A 548 -29.03 -15.07 -23.70
C GLY A 548 -30.28 -15.41 -24.47
N GLN A 549 -30.44 -16.68 -24.85
CA GLN A 549 -31.60 -17.13 -25.59
C GLN A 549 -32.03 -18.50 -25.08
N ILE A 550 -33.34 -18.70 -24.93
CA ILE A 550 -33.85 -19.96 -24.42
C ILE A 550 -34.11 -20.90 -25.60
N ILE A 551 -33.49 -22.07 -25.57
CA ILE A 551 -33.66 -23.03 -26.66
C ILE A 551 -34.86 -23.93 -26.41
N GLU A 552 -34.82 -24.69 -25.31
CA GLU A 552 -35.89 -25.63 -24.99
C GLU A 552 -36.11 -25.64 -23.50
N GLN A 553 -37.31 -26.08 -23.11
CA GLN A 553 -37.71 -26.14 -21.71
C GLN A 553 -38.43 -27.46 -21.48
N GLY A 554 -38.40 -27.92 -20.25
CA GLY A 554 -39.10 -29.13 -19.86
C GLY A 554 -38.36 -29.93 -18.82
N THR A 555 -39.10 -30.81 -18.15
CA THR A 555 -38.55 -31.67 -17.12
C THR A 555 -37.42 -32.53 -17.72
N HIS A 556 -36.56 -33.05 -16.85
CA HIS A 556 -35.44 -33.88 -17.30
C HIS A 556 -35.90 -35.00 -18.22
N ALA A 557 -36.95 -35.71 -17.84
CA ALA A 557 -37.46 -36.80 -18.68
C ALA A 557 -37.99 -36.26 -20.00
N GLU A 558 -38.83 -35.22 -19.94
CA GLU A 558 -39.44 -34.68 -21.15
C GLU A 558 -38.38 -34.08 -22.08
N LEU A 559 -37.40 -33.37 -21.50
CA LEU A 559 -36.36 -32.74 -22.30
C LEU A 559 -35.36 -33.74 -22.85
N LEU A 560 -35.24 -34.92 -22.23
CA LEU A 560 -34.32 -35.94 -22.69
C LEU A 560 -34.92 -36.83 -23.77
N ALA A 561 -36.22 -37.12 -23.69
CA ALA A 561 -36.85 -37.97 -24.68
C ALA A 561 -36.79 -37.35 -26.08
N ARG A 562 -37.24 -36.11 -26.21
CA ARG A 562 -37.16 -35.42 -27.49
C ARG A 562 -35.72 -35.02 -27.79
N GLN A 563 -35.34 -35.07 -29.06
CA GLN A 563 -34.02 -34.62 -29.46
C GLN A 563 -33.91 -33.12 -29.25
N GLY A 564 -32.83 -32.69 -28.62
CA GLY A 564 -32.64 -31.28 -28.34
C GLY A 564 -31.30 -31.06 -27.67
N ARG A 565 -31.04 -29.80 -27.31
CA ARG A 565 -29.71 -29.43 -26.82
C ARG A 565 -29.36 -30.16 -25.53
N TYR A 566 -30.35 -30.44 -24.69
CA TYR A 566 -30.05 -31.19 -23.47
C TYR A 566 -29.56 -32.59 -23.78
N TYR A 567 -29.96 -33.15 -24.93
CA TYR A 567 -29.66 -34.56 -25.21
C TYR A 567 -28.17 -34.77 -25.51
N GLN A 568 -27.62 -33.93 -26.39
CA GLN A 568 -26.19 -34.02 -26.79
C GLN A 568 -25.31 -34.01 -25.52
N PHE A 569 -25.54 -33.02 -24.64
CA PHE A 569 -24.76 -32.90 -23.42
C PHE A 569 -24.89 -34.15 -22.57
N LYS A 570 -26.10 -34.70 -22.46
CA LYS A 570 -26.35 -35.90 -21.69
C LYS A 570 -25.87 -37.15 -22.44
N LYS B 3 14.06 -9.18 22.09
CA LYS B 3 14.06 -9.97 20.87
C LYS B 3 15.35 -9.79 20.09
N SER B 4 15.95 -10.90 19.67
CA SER B 4 17.16 -10.88 18.86
C SER B 4 16.87 -10.61 17.39
N ARG B 5 15.59 -10.54 17.00
CA ARG B 5 15.26 -10.21 15.62
C ARG B 5 15.76 -8.83 15.26
N GLN B 6 15.50 -7.84 16.13
CA GLN B 6 15.94 -6.47 15.87
C GLN B 6 17.46 -6.40 15.82
N LYS B 7 18.15 -7.15 16.69
CA LYS B 7 19.60 -7.15 16.67
C LYS B 7 20.14 -7.69 15.35
N GLU B 8 19.49 -8.73 14.80
CA GLU B 8 19.94 -9.29 13.54
C GLU B 8 19.56 -8.38 12.37
N LEU B 9 18.37 -7.79 12.42
CA LEU B 9 17.93 -6.90 11.35
C LEU B 9 18.76 -5.62 11.31
N THR B 10 18.92 -4.97 12.47
CA THR B 10 19.68 -3.73 12.52
C THR B 10 21.15 -3.95 12.21
N ARG B 11 21.66 -5.17 12.38
CA ARG B 11 23.00 -5.47 11.88
C ARG B 11 23.01 -5.63 10.37
N TRP B 12 21.94 -6.16 9.79
CA TRP B 12 21.83 -6.22 8.34
C TRP B 12 21.78 -4.82 7.73
N LEU B 13 21.04 -3.91 8.37
CA LEU B 13 20.94 -2.55 7.87
C LEU B 13 22.29 -1.86 7.86
N LYS B 14 23.07 -2.08 8.92
CA LYS B 14 24.42 -1.48 9.06
C LYS B 14 25.35 -2.11 8.02
N GLN B 15 25.14 -3.38 7.66
CA GLN B 15 26.00 -4.03 6.67
C GLN B 15 25.70 -3.53 5.27
N GLN B 16 24.47 -3.08 5.03
CA GLN B 16 24.07 -2.58 3.69
C GLN B 16 24.48 -1.11 3.51
N SER B 17 25.09 -0.50 4.52
CA SER B 17 25.47 0.90 4.46
C SER B 17 26.93 1.10 4.07
N VAL B 18 27.65 0.03 3.73
CA VAL B 18 29.06 0.19 3.38
C VAL B 18 29.22 0.84 2.02
N ILE B 19 28.21 0.72 1.15
CA ILE B 19 28.29 1.37 -0.16
C ILE B 19 28.34 2.88 0.00
N SER B 20 27.61 3.40 1.00
CA SER B 20 27.53 4.82 1.26
C SER B 20 28.28 5.20 2.52
N GLN B 21 29.42 4.56 2.79
CA GLN B 21 30.22 4.93 3.93
C GLN B 21 30.89 6.28 3.72
N ARG B 22 31.27 6.60 2.49
CA ARG B 22 31.84 7.91 2.21
C ARG B 22 30.82 9.01 2.45
N TRP B 23 29.56 8.77 2.08
CA TRP B 23 28.52 9.77 2.28
C TRP B 23 28.07 9.86 3.73
N LEU B 24 28.17 8.77 4.48
CA LEU B 24 27.81 8.79 5.89
C LEU B 24 28.93 9.29 6.78
N ASN B 25 30.15 9.38 6.25
CA ASN B 25 31.25 10.01 6.98
C ASN B 25 31.31 11.51 6.75
N ILE B 26 30.94 11.97 5.55
CA ILE B 26 30.83 13.40 5.31
C ILE B 26 29.67 13.98 6.10
N SER B 27 28.53 13.29 6.12
CA SER B 27 27.39 13.78 6.88
C SER B 27 27.65 13.72 8.37
N ARG B 28 28.50 12.79 8.82
CA ARG B 28 28.96 12.82 10.20
C ARG B 28 29.92 13.98 10.44
N LEU B 29 30.73 14.32 9.45
CA LEU B 29 31.64 15.45 9.59
C LEU B 29 30.90 16.78 9.50
N LEU B 30 29.86 16.85 8.65
CA LEU B 30 29.10 18.08 8.51
C LEU B 30 28.19 18.32 9.70
N GLY B 31 27.80 17.28 10.42
CA GLY B 31 27.04 17.48 11.64
C GLY B 31 27.88 17.89 12.83
N PHE B 32 29.20 17.75 12.72
CA PHE B 32 30.13 18.26 13.72
C PHE B 32 30.52 19.70 13.43
N VAL B 33 30.57 20.10 12.16
CA VAL B 33 30.78 21.50 11.82
C VAL B 33 29.55 22.32 12.15
N SER B 34 28.36 21.74 11.96
CA SER B 34 27.13 22.46 12.25
C SER B 34 27.02 22.79 13.73
N GLY B 35 27.51 21.91 14.60
CA GLY B 35 27.55 22.22 16.02
C GLY B 35 28.62 23.22 16.39
N ILE B 36 29.67 23.36 15.58
CA ILE B 36 30.66 24.39 15.80
C ILE B 36 30.13 25.76 15.39
N LEU B 37 29.36 25.82 14.31
CA LEU B 37 28.78 27.09 13.89
C LEU B 37 27.62 27.52 14.77
N ILE B 38 26.91 26.58 15.36
CA ILE B 38 25.87 26.92 16.33
C ILE B 38 26.50 27.58 17.55
N ILE B 39 27.64 27.06 18.00
CA ILE B 39 28.34 27.64 19.14
C ILE B 39 28.93 29.00 18.76
N ALA B 40 29.52 29.11 17.58
CA ALA B 40 30.07 30.38 17.15
C ALA B 40 28.99 31.43 16.95
N GLN B 41 27.85 31.03 16.40
CA GLN B 41 26.75 31.97 16.19
C GLN B 41 26.19 32.45 17.52
N ALA B 42 26.14 31.58 18.53
CA ALA B 42 25.70 31.98 19.85
C ALA B 42 26.74 32.80 20.59
N TRP B 43 28.03 32.62 20.25
CA TRP B 43 29.07 33.40 20.91
C TRP B 43 29.11 34.84 20.41
N PHE B 44 28.95 35.05 19.10
CA PHE B 44 28.95 36.41 18.57
C PHE B 44 27.69 37.16 18.96
N MET B 45 26.55 36.46 18.98
CA MET B 45 25.31 37.11 19.39
C MET B 45 25.39 37.56 20.84
N ALA B 46 25.98 36.72 21.71
CA ALA B 46 26.12 37.08 23.11
C ALA B 46 27.10 38.22 23.31
N ARG B 47 28.15 38.29 22.50
CA ARG B 47 29.14 39.35 22.65
C ARG B 47 28.64 40.68 22.12
N ILE B 48 27.89 40.66 21.02
CA ILE B 48 27.27 41.87 20.52
C ILE B 48 26.26 42.41 21.51
N LEU B 49 25.43 41.52 22.06
CA LEU B 49 24.40 41.94 23.01
C LEU B 49 25.01 42.51 24.28
N GLN B 50 26.08 41.90 24.78
CA GLN B 50 26.72 42.43 25.97
C GLN B 50 27.31 43.81 25.75
N HIS B 51 27.92 44.03 24.58
CA HIS B 51 28.46 45.35 24.27
C HIS B 51 27.37 46.40 24.24
N MET B 52 26.23 46.08 23.62
CA MET B 52 25.16 47.05 23.47
C MET B 52 24.37 47.26 24.75
N ILE B 53 24.18 46.23 25.56
CA ILE B 53 23.36 46.33 26.75
C ILE B 53 24.16 46.82 27.95
N MET B 54 25.33 46.23 28.19
CA MET B 54 26.11 46.55 29.38
C MET B 54 27.03 47.75 29.16
N GLU B 55 27.91 47.66 28.17
CA GLU B 55 28.85 48.74 27.88
C GLU B 55 28.27 49.82 27.00
N ASN B 56 27.04 49.64 26.50
CA ASN B 56 26.30 50.68 25.78
C ASN B 56 27.08 51.20 24.57
N ILE B 57 27.58 50.27 23.76
CA ILE B 57 28.35 50.59 22.56
C ILE B 57 27.39 50.77 21.39
N PRO B 58 27.55 51.81 20.57
CA PRO B 58 26.67 51.97 19.42
C PRO B 58 26.87 50.85 18.40
N ARG B 59 25.82 50.61 17.61
CA ARG B 59 25.86 49.51 16.65
C ARG B 59 26.92 49.73 15.59
N GLU B 60 27.15 50.98 15.17
CA GLU B 60 28.08 51.26 14.10
C GLU B 60 29.53 51.00 14.48
N ALA B 61 29.83 50.80 15.76
CA ALA B 61 31.15 50.44 16.20
C ALA B 61 31.35 48.94 16.30
N LEU B 62 30.29 48.15 16.09
CA LEU B 62 30.35 46.70 16.20
C LEU B 62 30.26 46.02 14.85
N LEU B 63 30.73 46.69 13.79
CA LEU B 63 30.57 46.15 12.44
C LEU B 63 31.40 44.89 12.21
N LEU B 64 32.41 44.64 13.04
CA LEU B 64 33.18 43.41 12.86
C LEU B 64 32.43 42.22 13.45
N PRO B 65 31.96 42.26 14.71
CA PRO B 65 31.16 41.13 15.20
C PRO B 65 29.85 40.93 14.45
N PHE B 66 29.23 41.99 13.92
CA PHE B 66 28.09 41.80 13.03
C PHE B 66 28.50 41.09 11.75
N THR B 67 29.65 41.47 11.18
CA THR B 67 30.11 40.80 9.96
C THR B 67 30.41 39.33 10.22
N LEU B 68 31.04 39.03 11.36
CA LEU B 68 31.32 37.65 11.70
C LEU B 68 30.05 36.88 12.04
N LEU B 69 29.04 37.57 12.59
CA LEU B 69 27.78 36.90 12.90
C LEU B 69 27.01 36.56 11.63
N VAL B 70 26.96 37.50 10.68
CA VAL B 70 26.30 37.22 9.40
C VAL B 70 27.01 36.09 8.68
N LEU B 71 28.32 35.95 8.90
CA LEU B 71 29.10 34.94 8.18
C LEU B 71 28.80 33.54 8.71
N THR B 72 28.61 33.40 10.03
CA THR B 72 28.26 32.10 10.58
C THR B 72 26.83 31.72 10.18
N PHE B 73 25.94 32.70 10.11
CA PHE B 73 24.57 32.42 9.68
C PHE B 73 24.51 31.94 8.24
N VAL B 74 25.48 32.35 7.43
CA VAL B 74 25.53 31.91 6.04
C VAL B 74 26.21 30.54 5.94
N LEU B 75 27.23 30.30 6.77
CA LEU B 75 27.85 28.97 6.78
C LEU B 75 26.90 27.92 7.35
N ARG B 76 26.07 28.30 8.32
CA ARG B 76 25.08 27.36 8.85
C ARG B 76 24.09 26.95 7.77
N ALA B 77 23.62 27.92 6.99
CA ALA B 77 22.69 27.60 5.90
C ALA B 77 23.38 26.81 4.80
N TRP B 78 24.69 26.99 4.63
CA TRP B 78 25.42 26.24 3.62
C TRP B 78 25.63 24.80 4.04
N VAL B 79 25.97 24.55 5.31
CA VAL B 79 26.17 23.18 5.77
C VAL B 79 24.88 22.47 6.09
N VAL B 80 23.74 23.15 5.98
CA VAL B 80 22.44 22.50 6.05
C VAL B 80 21.96 22.09 4.67
N TRP B 81 22.14 22.97 3.69
CA TRP B 81 21.91 22.60 2.30
C TRP B 81 22.85 21.49 1.87
N LEU B 82 24.13 21.59 2.24
CA LEU B 82 25.11 20.56 1.92
C LEU B 82 24.77 19.25 2.59
N ARG B 83 24.35 19.28 3.86
CA ARG B 83 24.11 18.08 4.63
C ARG B 83 22.83 17.37 4.22
N GLU B 84 21.84 18.11 3.70
CA GLU B 84 20.63 17.49 3.19
C GLU B 84 20.89 16.75 1.88
N ARG B 85 21.85 17.21 1.08
CA ARG B 85 22.15 16.57 -0.19
C ARG B 85 23.16 15.44 -0.04
N VAL B 86 24.08 15.54 0.92
CA VAL B 86 24.96 14.42 1.21
C VAL B 86 24.17 13.26 1.79
N GLY B 87 23.16 13.56 2.61
CA GLY B 87 22.32 12.52 3.16
C GLY B 87 21.50 11.79 2.12
N TYR B 88 21.02 12.49 1.10
CA TYR B 88 20.28 11.82 0.05
C TYR B 88 21.16 10.83 -0.71
N HIS B 89 22.38 11.24 -1.03
CA HIS B 89 23.29 10.34 -1.75
C HIS B 89 23.60 9.11 -0.92
N ALA B 90 23.60 9.24 0.40
CA ALA B 90 23.82 8.08 1.26
C ALA B 90 22.72 7.04 1.08
N GLY B 91 21.46 7.48 1.13
CA GLY B 91 20.37 6.53 1.00
C GLY B 91 20.08 6.09 -0.42
N GLN B 92 20.44 6.89 -1.42
CA GLN B 92 20.20 6.51 -2.80
C GLN B 92 21.11 5.36 -3.23
N HIS B 93 22.41 5.48 -2.93
CA HIS B 93 23.37 4.46 -3.36
C HIS B 93 23.17 3.14 -2.64
N ILE B 94 22.43 3.14 -1.53
CA ILE B 94 22.13 1.90 -0.84
C ILE B 94 20.92 1.22 -1.46
N ARG B 95 19.88 1.99 -1.81
CA ARG B 95 18.72 1.42 -2.47
C ARG B 95 19.07 0.95 -3.87
N PHE B 96 19.92 1.69 -4.57
CA PHE B 96 20.30 1.29 -5.93
C PHE B 96 21.12 0.02 -5.93
N ALA B 97 21.91 -0.23 -4.88
CA ALA B 97 22.73 -1.42 -4.79
C ALA B 97 22.01 -2.60 -4.14
N ILE B 98 20.86 -2.37 -3.52
CA ILE B 98 20.04 -3.46 -3.01
C ILE B 98 18.99 -3.87 -4.04
N ARG B 99 18.40 -2.90 -4.73
CA ARG B 99 17.49 -3.22 -5.82
C ARG B 99 18.19 -3.97 -6.94
N ARG B 100 19.49 -3.77 -7.08
CA ARG B 100 20.26 -4.57 -8.02
C ARG B 100 20.50 -5.98 -7.51
N GLN B 101 20.61 -6.15 -6.20
CA GLN B 101 20.75 -7.49 -5.63
C GLN B 101 19.42 -8.22 -5.61
N VAL B 102 18.33 -7.51 -5.37
CA VAL B 102 17.01 -8.14 -5.38
C VAL B 102 16.65 -8.60 -6.78
N LEU B 103 16.92 -7.77 -7.79
CA LEU B 103 16.59 -8.14 -9.16
C LEU B 103 17.53 -9.21 -9.71
N ASP B 104 18.76 -9.27 -9.21
CA ASP B 104 19.69 -10.32 -9.65
C ASP B 104 19.27 -11.67 -9.09
N ARG B 105 18.93 -11.72 -7.81
CA ARG B 105 18.43 -12.96 -7.21
C ARG B 105 17.09 -13.37 -7.78
N LEU B 106 16.32 -12.42 -8.31
CA LEU B 106 15.00 -12.69 -8.84
C LEU B 106 15.04 -13.09 -10.31
N GLN B 107 16.07 -12.66 -11.04
CA GLN B 107 16.24 -13.09 -12.42
C GLN B 107 16.95 -14.44 -12.49
N GLN B 108 17.89 -14.69 -11.58
CA GLN B 108 18.57 -15.98 -11.54
C GLN B 108 17.63 -17.08 -11.07
N ALA B 109 16.77 -16.78 -10.09
CA ALA B 109 15.80 -17.77 -9.64
C ALA B 109 14.80 -18.13 -10.72
N GLY B 110 14.67 -17.30 -11.75
CA GLY B 110 13.89 -17.65 -12.91
C GLY B 110 12.40 -17.62 -12.69
N PRO B 111 11.65 -18.02 -13.71
CA PRO B 111 10.18 -18.00 -13.60
C PRO B 111 9.63 -18.99 -12.60
N ALA B 112 10.39 -20.02 -12.23
CA ALA B 112 9.88 -21.05 -11.34
C ALA B 112 9.53 -20.49 -9.97
N TRP B 113 10.36 -19.58 -9.46
CA TRP B 113 10.16 -19.01 -8.14
C TRP B 113 9.39 -17.70 -8.17
N ILE B 114 9.47 -16.96 -9.29
CA ILE B 114 8.76 -15.69 -9.40
C ILE B 114 7.26 -15.92 -9.33
N GLN B 115 6.81 -17.01 -9.94
CA GLN B 115 5.35 -17.35 -10.03
C GLN B 115 4.75 -17.66 -8.65
N GLY B 116 5.58 -17.85 -7.62
CA GLY B 116 5.05 -18.22 -6.32
C GLY B 116 4.16 -17.14 -5.71
N LYS B 117 4.54 -15.89 -5.89
CA LYS B 117 3.80 -14.75 -5.36
C LYS B 117 3.27 -13.88 -6.49
N PRO B 118 2.19 -13.13 -6.24
CA PRO B 118 1.65 -12.24 -7.28
C PRO B 118 2.68 -11.20 -7.72
N ALA B 119 2.56 -10.77 -8.98
CA ALA B 119 3.49 -9.78 -9.49
C ALA B 119 3.37 -8.45 -8.76
N GLY B 120 2.22 -8.20 -8.12
CA GLY B 120 2.11 -7.04 -7.26
C GLY B 120 2.69 -7.24 -5.88
N SER B 121 2.94 -8.49 -5.50
CA SER B 121 3.68 -8.77 -4.27
C SER B 121 5.17 -8.54 -4.44
N TRP B 122 5.70 -8.78 -5.65
CA TRP B 122 7.10 -8.50 -5.92
C TRP B 122 7.35 -7.01 -6.08
N ALA B 123 6.39 -6.29 -6.67
CA ALA B 123 6.56 -4.85 -6.84
C ALA B 123 6.55 -4.14 -5.50
N THR B 124 5.81 -4.66 -4.51
CA THR B 124 5.88 -4.11 -3.18
C THR B 124 7.26 -4.30 -2.57
N LEU B 125 7.87 -5.48 -2.77
CA LEU B 125 9.19 -5.72 -2.23
C LEU B 125 10.25 -4.89 -2.92
N VAL B 126 10.14 -4.71 -4.23
CA VAL B 126 11.20 -4.02 -4.97
C VAL B 126 11.01 -2.51 -4.94
N LEU B 127 9.76 -2.03 -4.86
CA LEU B 127 9.51 -0.59 -4.85
C LEU B 127 9.26 -0.06 -3.44
N GLU B 128 8.26 -0.60 -2.74
CA GLU B 128 7.88 -0.05 -1.45
C GLU B 128 8.91 -0.36 -0.38
N GLN B 129 9.37 -1.61 -0.31
CA GLN B 129 10.25 -2.00 0.80
C GLN B 129 11.62 -1.38 0.66
N ILE B 130 12.16 -1.34 -0.56
CA ILE B 130 13.51 -0.79 -0.74
C ILE B 130 13.52 0.71 -0.52
N ASP B 131 12.49 1.41 -1.00
CA ASP B 131 12.40 2.85 -0.78
C ASP B 131 12.07 3.20 0.67
N ASP B 132 11.63 2.23 1.48
CA ASP B 132 11.40 2.48 2.90
C ASP B 132 12.68 2.60 3.70
N MET B 133 13.80 2.14 3.14
CA MET B 133 15.07 2.23 3.81
C MET B 133 15.86 3.47 3.44
N HIS B 134 15.20 4.48 2.84
CA HIS B 134 15.94 5.67 2.47
C HIS B 134 16.13 6.61 3.65
N ASP B 135 15.05 6.89 4.38
CA ASP B 135 15.14 7.83 5.49
C ASP B 135 15.98 7.30 6.63
N TYR B 136 16.15 5.97 6.74
CA TYR B 136 17.04 5.43 7.76
C TYR B 136 18.47 5.86 7.52
N TYR B 137 18.92 5.83 6.27
CA TYR B 137 20.29 6.22 5.94
C TYR B 137 20.42 7.69 5.61
N ALA B 138 19.36 8.30 5.07
CA ALA B 138 19.45 9.71 4.68
C ALA B 138 19.18 10.63 5.86
N ARG B 139 18.32 10.23 6.78
CA ARG B 139 17.90 11.11 7.86
C ARG B 139 18.22 10.56 9.24
N TYR B 140 17.87 9.31 9.52
CA TYR B 140 18.02 8.80 10.88
C TYR B 140 19.48 8.59 11.25
N LEU B 141 20.25 7.93 10.39
CA LEU B 141 21.65 7.68 10.72
C LEU B 141 22.46 8.96 10.84
N PRO B 142 22.37 9.93 9.93
CA PRO B 142 23.04 11.21 10.17
C PRO B 142 22.59 11.90 11.45
N GLN B 143 21.30 11.86 11.75
CA GLN B 143 20.80 12.53 12.95
C GLN B 143 21.21 11.79 14.21
N MET B 144 21.41 10.48 14.14
CA MET B 144 21.82 9.73 15.31
C MET B 144 23.25 10.06 15.72
N ALA B 145 24.05 10.61 14.82
CA ALA B 145 25.40 11.06 15.14
C ALA B 145 25.43 12.54 15.50
N LEU B 146 24.60 13.34 14.82
CA LEU B 146 24.47 14.74 15.20
C LEU B 146 23.83 14.90 16.57
N ALA B 147 23.03 13.92 17.00
CA ALA B 147 22.39 14.00 18.31
C ALA B 147 23.34 13.73 19.45
N VAL B 148 24.53 13.19 19.18
CA VAL B 148 25.52 12.97 20.22
C VAL B 148 26.70 13.91 20.12
N SER B 149 27.00 14.46 18.94
CA SER B 149 28.09 15.40 18.82
C SER B 149 27.67 16.79 19.28
N VAL B 150 26.62 17.34 18.66
CA VAL B 150 26.22 18.72 18.96
C VAL B 150 25.95 18.94 20.45
N PRO B 151 25.19 18.09 21.15
CA PRO B 151 25.05 18.30 22.60
C PRO B 151 26.36 18.29 23.36
N LEU B 152 27.34 17.48 22.96
CA LEU B 152 28.62 17.49 23.66
C LEU B 152 29.45 18.72 23.32
N LEU B 153 29.32 19.24 22.10
CA LEU B 153 29.98 20.50 21.79
C LEU B 153 29.41 21.65 22.61
N ILE B 154 28.09 21.65 22.82
CA ILE B 154 27.47 22.71 23.61
C ILE B 154 28.02 22.71 25.03
N VAL B 155 28.13 21.53 25.64
CA VAL B 155 28.61 21.44 27.02
C VAL B 155 30.07 21.83 27.11
N VAL B 156 30.87 21.41 26.14
CA VAL B 156 32.30 21.72 26.15
C VAL B 156 32.54 23.22 25.98
N ALA B 157 31.60 23.93 25.33
CA ALA B 157 31.75 25.36 25.11
C ALA B 157 31.25 26.19 26.28
N ILE B 158 30.26 25.70 27.02
CA ILE B 158 29.73 26.45 28.16
C ILE B 158 30.54 26.18 29.43
N PHE B 159 31.24 25.06 29.51
CA PHE B 159 31.99 24.73 30.72
C PHE B 159 33.08 25.75 31.05
N PRO B 160 33.91 26.22 30.12
CA PRO B 160 34.86 27.29 30.48
C PRO B 160 34.17 28.56 30.95
N SER B 161 33.02 28.90 30.38
CA SER B 161 32.34 30.12 30.78
C SER B 161 31.71 29.98 32.15
N ASN B 162 31.05 28.86 32.40
CA ASN B 162 30.31 28.64 33.64
C ASN B 162 30.02 27.16 33.80
N TRP B 163 30.40 26.56 34.92
CA TRP B 163 30.20 25.13 35.10
C TRP B 163 28.86 24.79 35.70
N ALA B 164 28.16 25.74 36.32
CA ALA B 164 26.79 25.48 36.77
C ALA B 164 25.82 25.47 35.61
N ALA B 165 26.07 26.28 34.58
CA ALA B 165 25.24 26.25 33.39
C ALA B 165 25.52 25.02 32.54
N ALA B 166 26.73 24.48 32.62
CA ALA B 166 27.07 23.27 31.87
C ALA B 166 26.61 22.00 32.58
N LEU B 167 26.28 22.08 33.86
CA LEU B 167 25.73 20.93 34.56
C LEU B 167 24.22 20.86 34.49
N ILE B 168 23.55 21.99 34.27
CA ILE B 168 22.11 21.97 34.05
C ILE B 168 21.80 21.20 32.76
N LEU B 169 22.55 21.49 31.70
CA LEU B 169 22.35 20.78 30.44
C LEU B 169 22.84 19.34 30.52
N LEU B 170 24.00 19.13 31.12
CA LEU B 170 24.56 17.78 31.21
C LEU B 170 23.83 16.92 32.23
N GLY B 171 23.33 17.54 33.30
CA GLY B 171 22.63 16.77 34.32
C GLY B 171 21.34 16.14 33.85
N THR B 172 20.79 16.61 32.72
CA THR B 172 19.63 15.98 32.12
C THR B 172 19.99 14.96 31.05
N ALA B 173 21.26 14.84 30.69
CA ALA B 173 21.66 13.82 29.73
C ALA B 173 21.40 12.40 30.22
N PRO B 174 21.73 12.03 31.48
CA PRO B 174 21.35 10.69 31.93
C PRO B 174 19.87 10.59 32.30
N LEU B 175 19.27 11.72 32.65
CA LEU B 175 17.90 11.70 33.15
C LEU B 175 16.89 11.49 32.02
N ILE B 176 17.16 12.04 30.84
CA ILE B 176 16.19 11.96 29.75
C ILE B 176 15.93 10.52 29.31
N PRO B 177 16.93 9.68 29.04
CA PRO B 177 16.63 8.29 28.68
C PRO B 177 16.24 7.43 29.86
N LEU B 178 16.60 7.83 31.08
CA LEU B 178 16.19 7.06 32.25
C LEU B 178 14.67 7.11 32.42
N PHE B 179 14.05 8.23 32.05
CA PHE B 179 12.60 8.36 32.17
C PHE B 179 11.86 7.89 30.94
N MET B 180 12.43 8.02 29.74
CA MET B 180 11.75 7.47 28.57
C MET B 180 11.70 5.94 28.63
N ALA B 181 12.78 5.32 29.10
CA ALA B 181 12.77 3.87 29.25
C ALA B 181 11.82 3.44 30.36
N LEU B 182 11.75 4.22 31.44
CA LEU B 182 10.78 3.94 32.50
C LEU B 182 9.36 4.10 31.98
N VAL B 183 9.11 5.12 31.16
CA VAL B 183 7.80 5.27 30.54
C VAL B 183 7.61 4.24 29.43
N GLY B 184 8.67 3.97 28.66
CA GLY B 184 8.55 3.07 27.53
C GLY B 184 8.14 1.66 27.91
N MET B 185 8.56 1.20 29.09
CA MET B 185 8.15 -0.12 29.55
C MET B 185 6.68 -0.16 29.97
N GLY B 186 6.06 0.99 30.20
CA GLY B 186 4.62 1.03 30.40
C GLY B 186 3.89 1.21 29.10
N ALA B 187 4.60 1.71 28.08
CA ALA B 187 4.02 1.85 26.75
C ALA B 187 4.07 0.55 25.96
N ALA B 188 4.87 -0.41 26.38
CA ALA B 188 4.87 -1.73 25.78
C ALA B 188 3.84 -2.66 26.42
N ASP B 189 3.35 -2.32 27.61
CA ASP B 189 2.22 -3.03 28.20
C ASP B 189 0.96 -2.77 27.40
N ALA B 190 0.57 -1.50 27.26
CA ALA B 190 -0.62 -1.14 26.50
C ALA B 190 -0.50 -1.48 25.03
N ASN B 191 0.72 -1.55 24.50
CA ASN B 191 0.93 -1.92 23.11
C ASN B 191 1.03 -3.43 22.91
N ARG B 192 0.91 -4.21 23.98
CA ARG B 192 0.94 -5.66 23.93
C ARG B 192 -0.45 -6.27 24.07
N ARG B 193 -1.24 -5.76 25.02
CA ARG B 193 -2.60 -6.24 25.21
C ARG B 193 -3.60 -5.59 24.27
N ASN B 194 -3.15 -4.63 23.45
CA ASN B 194 -3.96 -4.04 22.40
C ASN B 194 -3.46 -4.41 21.02
N PHE B 195 -2.35 -5.15 20.90
CA PHE B 195 -1.77 -5.42 19.61
C PHE B 195 -2.71 -6.22 18.72
N LEU B 196 -3.35 -7.25 19.27
CA LEU B 196 -4.24 -8.08 18.46
C LEU B 196 -5.55 -7.37 18.16
N ALA B 197 -6.19 -6.81 19.19
CA ALA B 197 -7.46 -6.13 18.99
C ALA B 197 -7.33 -4.97 18.02
N LEU B 198 -6.17 -4.31 17.99
CA LEU B 198 -5.94 -3.20 17.07
C LEU B 198 -5.55 -3.67 15.67
N ALA B 199 -5.17 -4.94 15.50
CA ALA B 199 -4.86 -5.44 14.18
C ALA B 199 -6.10 -5.99 13.48
N ARG B 200 -7.09 -6.43 14.27
CA ARG B 200 -8.36 -6.84 13.71
C ARG B 200 -9.22 -5.65 13.32
N LEU B 201 -9.04 -4.51 14.00
CA LEU B 201 -9.83 -3.31 13.73
C LEU B 201 -9.26 -2.48 12.60
N SER B 202 -8.01 -2.71 12.21
CA SER B 202 -7.39 -1.90 11.17
C SER B 202 -7.95 -2.24 9.79
N GLY B 203 -8.10 -3.53 9.51
CA GLY B 203 -8.61 -3.96 8.22
C GLY B 203 -10.11 -4.15 8.23
N HIS B 204 -10.78 -3.54 9.21
CA HIS B 204 -12.22 -3.68 9.31
C HIS B 204 -12.94 -2.84 8.26
N PHE B 205 -12.45 -1.63 8.00
CA PHE B 205 -13.06 -0.79 6.97
C PHE B 205 -12.90 -1.42 5.60
N LEU B 206 -11.72 -1.94 5.29
CA LEU B 206 -11.52 -2.58 3.99
C LEU B 206 -12.34 -3.84 3.85
N ASP B 207 -12.55 -4.56 4.95
CA ASP B 207 -13.35 -5.78 4.91
C ASP B 207 -14.81 -5.46 4.64
N ARG B 208 -15.38 -4.51 5.37
CA ARG B 208 -16.76 -4.13 5.14
C ARG B 208 -16.94 -3.44 3.79
N LEU B 209 -15.86 -2.99 3.19
CA LEU B 209 -15.90 -2.26 1.92
C LEU B 209 -15.61 -3.16 0.73
N ARG B 210 -14.87 -4.25 0.95
CA ARG B 210 -14.72 -5.29 -0.06
C ARG B 210 -15.93 -6.19 -0.16
N GLY B 211 -16.79 -6.19 0.86
CA GLY B 211 -17.96 -7.04 0.86
C GLY B 211 -19.26 -6.28 0.88
N MET B 212 -19.32 -5.18 0.14
CA MET B 212 -20.56 -4.42 0.04
C MET B 212 -21.62 -5.14 -0.78
N GLU B 213 -21.21 -6.02 -1.69
CA GLU B 213 -22.18 -6.80 -2.43
C GLU B 213 -22.95 -7.76 -1.51
N THR B 214 -22.24 -8.39 -0.58
CA THR B 214 -22.91 -9.28 0.37
C THR B 214 -23.76 -8.51 1.37
N LEU B 215 -23.35 -7.27 1.70
CA LEU B 215 -24.18 -6.45 2.56
C LEU B 215 -25.39 -5.90 1.82
N ARG B 216 -25.27 -5.72 0.51
CA ARG B 216 -26.39 -5.27 -0.30
C ARG B 216 -27.48 -6.34 -0.36
N ILE B 217 -27.10 -7.57 -0.71
CA ILE B 217 -28.07 -8.62 -1.00
C ILE B 217 -28.65 -9.26 0.24
N PHE B 218 -28.26 -8.82 1.43
CA PHE B 218 -28.87 -9.26 2.66
C PHE B 218 -29.59 -8.14 3.40
N GLY B 219 -29.59 -6.94 2.85
CA GLY B 219 -30.26 -5.82 3.49
C GLY B 219 -29.53 -5.28 4.70
N ARG B 220 -28.24 -5.56 4.83
CA ARG B 220 -27.47 -5.20 6.00
C ARG B 220 -26.58 -3.98 5.78
N GLY B 221 -26.82 -3.23 4.70
CA GLY B 221 -25.99 -2.06 4.43
C GLY B 221 -26.10 -1.01 5.52
N GLU B 222 -27.32 -0.76 6.01
CA GLU B 222 -27.50 0.23 7.06
C GLU B 222 -26.98 -0.25 8.40
N ALA B 223 -27.07 -1.56 8.66
CA ALA B 223 -26.63 -2.10 9.94
C ALA B 223 -25.13 -2.37 9.99
N GLU B 224 -24.41 -2.14 8.91
CA GLU B 224 -22.96 -2.16 8.92
C GLU B 224 -22.38 -0.76 8.95
N ILE B 225 -23.22 0.25 9.12
CA ILE B 225 -22.75 1.59 9.48
C ILE B 225 -22.60 1.71 10.98
N GLU B 226 -23.51 1.10 11.74
CA GLU B 226 -23.34 0.99 13.18
C GLU B 226 -22.22 0.04 13.56
N SER B 227 -21.74 -0.76 12.62
CA SER B 227 -20.54 -1.56 12.86
C SER B 227 -19.29 -0.74 12.61
N ILE B 228 -19.32 0.16 11.62
CA ILE B 228 -18.20 1.06 11.40
C ILE B 228 -18.10 2.07 12.53
N ARG B 229 -19.25 2.55 13.02
CA ARG B 229 -19.23 3.48 14.14
C ARG B 229 -18.69 2.81 15.40
N SER B 230 -19.04 1.55 15.62
CA SER B 230 -18.57 0.85 16.81
C SER B 230 -17.10 0.43 16.69
N ALA B 231 -16.68 0.00 15.51
CA ALA B 231 -15.31 -0.43 15.33
C ALA B 231 -14.33 0.72 15.20
N SER B 232 -14.82 1.92 14.88
CA SER B 232 -13.98 3.10 14.88
C SER B 232 -13.90 3.76 16.25
N GLU B 233 -14.98 3.72 17.02
CA GLU B 233 -14.92 4.17 18.40
C GLU B 233 -14.00 3.29 19.22
N ASP B 234 -14.09 1.98 19.02
CA ASP B 234 -13.20 1.06 19.74
C ASP B 234 -11.76 1.23 19.30
N PHE B 235 -11.54 1.48 18.00
CA PHE B 235 -10.17 1.69 17.53
C PHE B 235 -9.56 2.94 18.16
N ARG B 236 -10.34 4.02 18.26
CA ARG B 236 -9.83 5.24 18.85
C ARG B 236 -9.54 5.07 20.34
N GLN B 237 -10.54 4.56 21.08
CA GLN B 237 -10.42 4.39 22.55
C GLN B 237 -9.36 3.36 22.94
N ARG B 238 -8.84 2.60 21.97
CA ARG B 238 -7.82 1.59 22.22
C ARG B 238 -6.45 2.06 21.78
N THR B 239 -6.38 2.90 20.73
CA THR B 239 -5.12 3.48 20.31
C THR B 239 -4.83 4.81 21.01
N MET B 240 -5.85 5.49 21.54
CA MET B 240 -5.58 6.65 22.38
C MET B 240 -5.02 6.23 23.73
N GLU B 241 -5.33 5.02 24.19
CA GLU B 241 -4.68 4.49 25.39
C GLU B 241 -3.19 4.33 25.17
N VAL B 242 -2.78 3.83 24.00
CA VAL B 242 -1.37 3.66 23.70
C VAL B 242 -0.69 5.02 23.59
N LEU B 243 -1.35 5.99 22.95
CA LEU B 243 -0.72 7.28 22.72
C LEU B 243 -0.58 8.09 23.99
N ARG B 244 -1.42 7.84 24.99
CA ARG B 244 -1.25 8.51 26.27
C ARG B 244 0.06 8.12 26.95
N LEU B 245 0.69 7.04 26.50
CA LEU B 245 1.99 6.62 27.01
C LEU B 245 3.13 6.91 26.03
N ALA B 246 2.82 7.16 24.77
CA ALA B 246 3.85 7.50 23.80
C ALA B 246 4.07 9.00 23.69
N PHE B 247 3.07 9.80 24.04
CA PHE B 247 3.24 11.24 24.11
C PHE B 247 3.85 11.68 25.42
N LEU B 248 3.89 10.81 26.43
CA LEU B 248 4.68 11.09 27.62
C LEU B 248 6.17 10.93 27.34
N SER B 249 6.55 9.92 26.57
CA SER B 249 7.96 9.73 26.23
C SER B 249 8.49 10.92 25.46
N SER B 250 7.72 11.42 24.49
CA SER B 250 8.11 12.64 23.80
C SER B 250 8.09 13.84 24.73
N GLY B 251 7.23 13.83 25.75
CA GLY B 251 7.13 14.91 26.70
C GLY B 251 8.16 14.89 27.79
N ILE B 252 8.94 13.82 27.91
CA ILE B 252 10.08 13.83 28.82
C ILE B 252 11.14 14.78 28.31
N LEU B 253 11.37 14.79 26.99
CA LEU B 253 12.36 15.69 26.42
C LEU B 253 11.89 17.15 26.49
N GLU B 254 10.59 17.38 26.33
CA GLU B 254 10.08 18.75 26.42
C GLU B 254 10.07 19.25 27.84
N PHE B 255 9.94 18.36 28.82
CA PHE B 255 10.05 18.77 30.21
C PHE B 255 11.45 19.20 30.55
N PHE B 256 12.45 18.42 30.13
CA PHE B 256 13.84 18.74 30.42
C PHE B 256 14.36 19.86 29.53
N THR B 257 13.74 20.10 28.38
CA THR B 257 14.06 21.30 27.61
C THR B 257 13.52 22.54 28.31
N SER B 258 12.32 22.46 28.86
CA SER B 258 11.72 23.60 29.54
C SER B 258 12.34 23.84 30.90
N LEU B 259 12.72 22.78 31.60
CA LEU B 259 13.37 22.93 32.90
C LEU B 259 14.76 23.54 32.75
N SER B 260 15.47 23.20 31.68
CA SER B 260 16.82 23.72 31.51
C SER B 260 16.83 25.19 31.14
N ILE B 261 15.90 25.62 30.29
CA ILE B 261 15.83 27.04 29.92
C ILE B 261 15.38 27.87 31.12
N ALA B 262 14.45 27.35 31.91
CA ALA B 262 14.03 28.05 33.11
C ALA B 262 15.14 28.12 34.14
N LEU B 263 15.90 27.04 34.31
CA LEU B 263 16.97 27.03 35.31
C LEU B 263 18.16 27.87 34.87
N VAL B 264 18.47 27.88 33.58
CA VAL B 264 19.54 28.76 33.08
C VAL B 264 19.15 30.22 33.30
N ALA B 265 17.90 30.57 33.04
CA ALA B 265 17.45 31.94 33.25
C ALA B 265 17.44 32.32 34.71
N VAL B 266 16.92 31.44 35.57
CA VAL B 266 16.81 31.75 36.99
C VAL B 266 18.19 31.78 37.65
N TYR B 267 19.05 30.83 37.29
CA TYR B 267 20.39 30.81 37.88
C TYR B 267 21.18 32.05 37.49
N PHE B 268 21.22 32.37 36.19
CA PHE B 268 21.95 33.55 35.76
C PHE B 268 21.28 34.82 36.25
N GLY B 269 19.95 34.88 36.18
CA GLY B 269 19.25 36.07 36.63
C GLY B 269 19.44 36.34 38.10
N PHE B 270 19.45 35.30 38.91
CA PHE B 270 19.66 35.47 40.34
C PHE B 270 21.12 35.72 40.69
N SER B 271 22.04 35.15 39.92
CA SER B 271 23.46 35.35 40.20
C SER B 271 23.94 36.74 39.81
N TYR B 272 23.20 37.45 38.96
CA TYR B 272 23.54 38.83 38.67
C TYR B 272 23.14 39.76 39.81
N LEU B 273 22.07 39.41 40.53
CA LEU B 273 21.58 40.21 41.64
C LEU B 273 22.21 39.84 42.98
N GLY B 274 23.09 38.84 43.00
CA GLY B 274 23.74 38.43 44.22
C GLY B 274 23.03 37.35 45.01
N GLU B 275 21.86 36.90 44.56
CA GLU B 275 21.14 35.86 45.30
C GLU B 275 21.90 34.55 45.29
N LEU B 276 22.72 34.31 44.28
CA LEU B 276 23.52 33.10 44.15
C LEU B 276 24.98 33.48 44.00
N ASP B 277 25.87 32.64 44.55
CA ASP B 277 27.30 32.95 44.53
C ASP B 277 28.14 31.76 44.06
N PHE B 278 27.52 30.73 43.51
CA PHE B 278 28.24 29.57 43.01
C PHE B 278 28.19 29.54 41.49
N GLY B 279 28.92 28.57 40.93
CA GLY B 279 28.84 28.30 39.51
C GLY B 279 29.96 28.86 38.66
N HIS B 280 30.39 30.08 38.94
CA HIS B 280 31.50 30.66 38.21
C HIS B 280 32.82 30.37 38.91
N TYR B 281 33.91 30.81 38.29
CA TYR B 281 35.25 30.59 38.81
C TYR B 281 35.77 31.78 39.60
N ASP B 282 34.89 32.49 40.30
CA ASP B 282 35.19 33.68 41.09
C ASP B 282 35.73 34.82 40.24
N THR B 283 35.57 34.76 38.93
CA THR B 283 35.93 35.85 38.04
C THR B 283 34.73 36.73 37.70
N GLY B 284 33.59 36.50 38.34
CA GLY B 284 32.39 37.26 38.05
C GLY B 284 31.64 36.70 36.86
N VAL B 285 30.32 36.58 36.98
CA VAL B 285 29.50 36.08 35.90
C VAL B 285 29.05 37.26 35.04
N THR B 286 29.30 37.17 33.74
CA THR B 286 29.05 38.26 32.82
C THR B 286 27.70 38.06 32.13
N LEU B 287 27.30 39.06 31.34
CA LEU B 287 26.07 38.94 30.57
C LEU B 287 26.27 38.03 29.36
N ALA B 288 27.43 38.12 28.70
CA ALA B 288 27.69 37.27 27.54
C ALA B 288 27.79 35.81 27.92
N ALA B 289 28.08 35.49 29.19
CA ALA B 289 28.07 34.12 29.64
C ALA B 289 26.65 33.60 29.83
N GLY B 290 25.71 34.49 30.17
CA GLY B 290 24.34 34.07 30.33
C GLY B 290 23.58 34.01 29.02
N PHE B 291 23.94 34.84 28.05
CA PHE B 291 23.33 34.75 26.74
C PHE B 291 23.86 33.54 25.98
N LEU B 292 25.15 33.24 26.10
CA LEU B 292 25.69 32.06 25.45
C LEU B 292 25.02 30.79 25.95
N ALA B 293 24.81 30.69 27.26
CA ALA B 293 24.14 29.52 27.81
C ALA B 293 22.66 29.49 27.49
N LEU B 294 22.04 30.65 27.26
CA LEU B 294 20.61 30.72 27.00
C LEU B 294 20.27 30.55 25.52
N ILE B 295 21.13 31.02 24.62
CA ILE B 295 20.94 30.75 23.20
C ILE B 295 21.19 29.27 22.90
N LEU B 296 22.17 28.67 23.58
CA LEU B 296 22.53 27.28 23.37
C LEU B 296 21.73 26.30 24.21
N ALA B 297 20.91 26.78 25.15
CA ALA B 297 20.07 25.85 25.90
C ALA B 297 19.02 25.17 25.01
N PRO B 298 18.27 25.86 24.16
CA PRO B 298 17.36 25.15 23.26
C PRO B 298 18.08 24.35 22.18
N GLU B 299 19.31 24.71 21.83
CA GLU B 299 20.05 23.99 20.81
C GLU B 299 20.67 22.71 21.35
N PHE B 300 20.78 22.57 22.67
CA PHE B 300 21.24 21.33 23.25
C PHE B 300 20.26 20.19 22.99
N PHE B 301 18.97 20.46 23.09
CA PHE B 301 17.93 19.45 22.98
C PHE B 301 17.34 19.34 21.58
N GLN B 302 17.68 20.26 20.68
CA GLN B 302 17.12 20.21 19.31
C GLN B 302 17.58 18.92 18.61
N PRO B 303 18.88 18.56 18.65
CA PRO B 303 19.35 17.33 18.02
C PRO B 303 18.56 16.11 18.48
N LEU B 304 18.23 16.04 19.77
CA LEU B 304 17.48 14.94 20.36
C LEU B 304 16.02 14.98 19.92
N ARG B 305 15.48 16.18 19.70
CA ARG B 305 14.08 16.32 19.31
C ARG B 305 13.89 15.94 17.85
N ASP B 306 14.84 16.31 16.98
CA ASP B 306 14.78 15.89 15.58
C ASP B 306 14.98 14.38 15.47
N LEU B 307 15.83 13.81 16.32
CA LEU B 307 16.00 12.36 16.33
C LEU B 307 14.73 11.65 16.76
N GLY B 308 13.86 12.33 17.51
CA GLY B 308 12.61 11.73 17.91
C GLY B 308 11.54 11.74 16.86
N THR B 309 11.69 12.57 15.83
CA THR B 309 10.79 12.55 14.69
C THR B 309 11.26 11.62 13.58
N PHE B 310 12.49 11.13 13.66
CA PHE B 310 13.02 10.19 12.70
C PHE B 310 12.99 8.75 13.21
N TYR B 311 12.59 8.52 14.45
CA TYR B 311 12.65 7.18 15.01
C TYR B 311 11.64 6.25 14.36
N HIS B 312 10.61 6.78 13.71
CA HIS B 312 9.75 5.94 12.88
C HIS B 312 10.52 5.39 11.69
N ALA B 313 11.41 6.20 11.10
CA ALA B 313 12.20 5.77 9.95
C ALA B 313 13.16 4.64 10.29
N LYS B 314 13.39 4.37 11.57
CA LYS B 314 14.09 3.15 11.93
C LYS B 314 13.16 1.95 11.94
N ALA B 315 11.87 2.17 12.20
CA ALA B 315 10.93 1.07 12.27
C ALA B 315 10.55 0.59 10.87
N GLN B 316 10.16 1.51 10.00
CA GLN B 316 9.81 1.13 8.64
C GLN B 316 11.00 0.72 7.81
N ALA B 317 12.22 0.94 8.31
CA ALA B 317 13.41 0.40 7.68
C ALA B 317 13.86 -0.90 8.32
N VAL B 318 13.22 -1.34 9.39
CA VAL B 318 13.47 -2.65 9.98
C VAL B 318 12.36 -3.58 9.53
N GLY B 319 11.16 -3.04 9.36
CA GLY B 319 10.11 -3.80 8.71
C GLY B 319 10.46 -4.13 7.27
N ALA B 320 10.98 -3.15 6.54
CA ALA B 320 11.44 -3.39 5.17
C ALA B 320 12.64 -4.32 5.15
N ALA B 321 13.58 -4.13 6.08
CA ALA B 321 14.75 -5.01 6.13
C ALA B 321 14.39 -6.41 6.62
N ASP B 322 13.21 -6.59 7.22
CA ASP B 322 12.77 -7.92 7.60
C ASP B 322 12.46 -8.76 6.37
N SER B 323 11.52 -8.30 5.55
CA SER B 323 11.13 -9.01 4.35
C SER B 323 12.22 -8.98 3.27
N LEU B 324 13.22 -8.12 3.41
CA LEU B 324 14.34 -8.12 2.48
C LEU B 324 15.47 -9.03 2.91
N LYS B 325 15.50 -9.44 4.18
CA LYS B 325 16.53 -10.36 4.64
C LYS B 325 16.07 -11.81 4.54
N THR B 326 14.81 -12.09 4.81
CA THR B 326 14.30 -13.43 4.55
C THR B 326 14.38 -13.76 3.06
N PHE B 327 14.04 -12.79 2.20
CA PHE B 327 14.14 -13.00 0.77
C PHE B 327 15.57 -13.31 0.34
N MET B 328 16.53 -12.54 0.86
CA MET B 328 17.91 -12.66 0.40
C MET B 328 18.63 -13.87 0.98
N GLU B 329 18.07 -14.52 1.99
CA GLU B 329 18.71 -15.67 2.61
C GLU B 329 17.95 -16.97 2.43
N THR B 330 16.96 -17.01 1.54
CA THR B 330 16.36 -18.28 1.18
C THR B 330 17.40 -19.17 0.51
N PRO B 331 17.46 -20.44 0.86
CA PRO B 331 18.55 -21.31 0.37
C PRO B 331 18.25 -21.93 -0.98
N LEU B 332 17.31 -21.36 -1.72
CA LEU B 332 16.85 -21.95 -2.97
C LEU B 332 18.01 -22.23 -3.92
N ALA B 333 17.97 -23.40 -4.55
CA ALA B 333 19.04 -23.91 -5.40
C ALA B 333 18.60 -23.90 -6.85
N HIS B 334 19.48 -23.43 -7.72
CA HIS B 334 19.16 -23.16 -9.12
C HIS B 334 19.50 -24.35 -9.99
N PRO B 335 18.84 -24.48 -11.14
CA PRO B 335 19.24 -25.52 -12.10
C PRO B 335 20.63 -25.24 -12.65
N GLN B 336 21.49 -26.24 -12.58
CA GLN B 336 22.88 -26.05 -12.99
C GLN B 336 22.98 -25.91 -14.50
N ARG B 337 23.89 -25.04 -14.94
CA ARG B 337 24.04 -24.72 -16.35
C ARG B 337 25.37 -25.27 -16.84
N GLY B 338 25.32 -26.12 -17.87
CA GLY B 338 26.51 -26.65 -18.48
C GLY B 338 27.11 -25.68 -19.47
N GLU B 339 28.00 -26.20 -20.31
CA GLU B 339 28.60 -25.40 -21.36
C GLU B 339 28.52 -26.05 -22.73
N ALA B 340 27.95 -27.25 -22.83
CA ALA B 340 27.80 -27.89 -24.13
C ALA B 340 26.80 -27.12 -24.99
N GLU B 341 26.96 -27.26 -26.31
CA GLU B 341 26.12 -26.59 -27.28
C GLU B 341 25.50 -27.64 -28.19
N LEU B 342 24.21 -27.47 -28.49
CA LEU B 342 23.47 -28.40 -29.34
C LEU B 342 23.38 -27.80 -30.74
N ALA B 343 24.15 -28.37 -31.67
CA ALA B 343 24.27 -27.83 -33.02
C ALA B 343 23.50 -28.66 -34.06
N SER B 344 22.53 -29.45 -33.62
CA SER B 344 21.79 -30.29 -34.56
C SER B 344 20.89 -29.46 -35.46
N THR B 345 20.26 -28.42 -34.91
CA THR B 345 19.41 -27.49 -35.67
C THR B 345 18.31 -28.23 -36.43
N ASP B 346 17.71 -29.23 -35.77
CA ASP B 346 16.63 -30.02 -36.36
C ASP B 346 15.84 -30.62 -35.20
N PRO B 347 14.65 -31.16 -35.47
CA PRO B 347 13.83 -31.71 -34.38
C PRO B 347 14.61 -32.68 -33.51
N VAL B 348 14.52 -32.48 -32.21
CA VAL B 348 15.34 -33.21 -31.25
C VAL B 348 14.51 -34.33 -30.62
N THR B 349 15.21 -35.32 -30.10
CA THR B 349 14.59 -36.47 -29.44
C THR B 349 14.77 -36.35 -27.94
N ILE B 350 13.68 -36.49 -27.20
CA ILE B 350 13.69 -36.38 -25.75
C ILE B 350 13.46 -37.78 -25.16
N GLU B 351 14.46 -38.28 -24.45
CA GLU B 351 14.35 -39.53 -23.70
C GLU B 351 14.62 -39.23 -22.23
N ALA B 352 13.86 -39.87 -21.35
CA ALA B 352 13.87 -39.48 -19.95
C ALA B 352 13.47 -40.65 -19.08
N GLU B 353 14.22 -40.85 -17.97
CA GLU B 353 13.90 -41.88 -17.00
C GLU B 353 14.29 -41.39 -15.60
N GLU B 354 13.38 -41.59 -14.65
CA GLU B 354 13.63 -41.29 -13.23
C GLU B 354 14.03 -39.83 -13.03
N LEU B 355 13.08 -38.94 -13.35
CA LEU B 355 13.38 -37.51 -13.39
C LEU B 355 13.38 -36.86 -12.01
N PHE B 356 12.25 -36.90 -11.32
CA PHE B 356 12.09 -36.24 -10.04
C PHE B 356 12.37 -34.73 -10.16
N ILE B 357 11.52 -34.07 -10.94
CA ILE B 357 11.66 -32.63 -11.15
C ILE B 357 11.28 -31.90 -9.86
N THR B 358 12.14 -30.97 -9.43
CA THR B 358 12.01 -30.34 -8.13
C THR B 358 11.92 -28.82 -8.24
N SER B 359 11.09 -28.24 -7.38
CA SER B 359 10.98 -26.79 -7.27
C SER B 359 12.27 -26.21 -6.73
N PRO B 360 12.51 -24.91 -6.94
CA PRO B 360 13.69 -24.27 -6.33
C PRO B 360 13.75 -24.42 -4.82
N GLU B 361 12.60 -24.45 -4.14
CA GLU B 361 12.59 -24.65 -2.69
C GLU B 361 13.00 -26.05 -2.28
N GLY B 362 13.13 -26.98 -3.22
CA GLY B 362 13.56 -28.34 -2.94
C GLY B 362 12.45 -29.37 -2.95
N LYS B 363 11.19 -28.94 -2.91
CA LYS B 363 10.08 -29.88 -3.01
C LYS B 363 10.06 -30.55 -4.37
N THR B 364 9.71 -31.83 -4.39
CA THR B 364 9.61 -32.58 -5.63
C THR B 364 8.22 -32.38 -6.23
N LEU B 365 8.19 -32.08 -7.53
CA LEU B 365 6.95 -31.74 -8.22
C LEU B 365 6.43 -32.86 -9.11
N ALA B 366 7.31 -33.51 -9.86
CA ALA B 366 6.96 -34.67 -10.66
C ALA B 366 7.77 -35.86 -10.17
N GLY B 367 7.08 -36.98 -9.94
CA GLY B 367 7.73 -38.17 -9.43
C GLY B 367 8.51 -38.90 -10.50
N PRO B 368 8.50 -40.24 -10.45
CA PRO B 368 9.25 -41.02 -11.44
C PRO B 368 8.66 -40.88 -12.84
N LEU B 369 9.41 -40.25 -13.74
CA LEU B 369 8.96 -40.03 -15.11
C LEU B 369 9.80 -40.89 -16.04
N ASN B 370 9.13 -41.70 -16.86
CA ASN B 370 9.80 -42.58 -17.84
C ASN B 370 9.09 -42.44 -19.19
N PHE B 371 9.76 -41.83 -20.18
CA PHE B 371 9.17 -41.67 -21.50
C PHE B 371 10.27 -41.46 -22.52
N THR B 372 9.88 -41.55 -23.79
CA THR B 372 10.77 -41.22 -24.90
C THR B 372 9.96 -40.47 -25.94
N LEU B 373 10.66 -39.69 -26.77
CA LEU B 373 10.01 -38.87 -27.80
C LEU B 373 10.91 -38.83 -29.04
N PRO B 374 10.58 -39.57 -30.08
CA PRO B 374 11.38 -39.52 -31.31
C PRO B 374 11.26 -38.16 -31.99
N ALA B 375 12.27 -37.85 -32.80
CA ALA B 375 12.33 -36.56 -33.47
C ALA B 375 11.11 -36.36 -34.37
N GLY B 376 10.49 -35.19 -34.27
CA GLY B 376 9.35 -34.84 -35.07
C GLY B 376 8.02 -35.39 -34.61
N GLN B 377 8.00 -36.15 -33.51
CA GLN B 377 6.77 -36.79 -33.04
C GLN B 377 6.12 -35.90 -32.00
N ARG B 378 4.91 -35.42 -32.31
CA ARG B 378 4.14 -34.66 -31.35
C ARG B 378 3.64 -35.56 -30.23
N ALA B 379 3.49 -34.97 -29.04
CA ALA B 379 2.98 -35.67 -27.88
C ALA B 379 2.08 -34.73 -27.11
N VAL B 380 1.22 -35.28 -26.26
CA VAL B 380 0.31 -34.49 -25.45
C VAL B 380 0.23 -35.08 -24.04
N LEU B 381 0.26 -34.20 -23.04
CA LEU B 381 0.12 -34.58 -21.65
C LEU B 381 -1.29 -34.26 -21.19
N VAL B 382 -1.94 -35.21 -20.54
CA VAL B 382 -3.30 -35.04 -20.06
C VAL B 382 -3.33 -35.45 -18.59
N GLY B 383 -4.23 -34.85 -17.82
CA GLY B 383 -4.36 -35.22 -16.43
C GLY B 383 -5.31 -34.28 -15.71
N ARG B 384 -5.32 -34.42 -14.39
CA ARG B 384 -6.13 -33.57 -13.52
C ARG B 384 -5.32 -32.36 -13.08
N SER B 385 -6.04 -31.37 -12.54
CA SER B 385 -5.38 -30.17 -12.04
C SER B 385 -4.51 -30.51 -10.84
N GLY B 386 -3.30 -29.99 -10.83
CA GLY B 386 -2.36 -30.28 -9.76
C GLY B 386 -1.60 -31.59 -9.90
N SER B 387 -1.58 -32.19 -11.09
CA SER B 387 -0.92 -33.46 -11.32
C SER B 387 0.47 -33.31 -11.90
N GLY B 388 1.05 -32.13 -11.84
CA GLY B 388 2.39 -31.91 -12.36
C GLY B 388 2.53 -32.02 -13.86
N LYS B 389 1.52 -31.59 -14.61
CA LYS B 389 1.62 -31.60 -16.06
C LYS B 389 2.52 -30.47 -16.57
N SER B 390 2.39 -29.28 -16.01
CA SER B 390 3.19 -28.15 -16.46
C SER B 390 4.64 -28.26 -15.99
N SER B 391 4.88 -28.96 -14.88
CA SER B 391 6.23 -29.03 -14.32
C SER B 391 7.20 -29.72 -15.28
N LEU B 392 6.69 -30.58 -16.16
CA LEU B 392 7.56 -31.21 -17.14
C LEU B 392 7.96 -30.23 -18.23
N LEU B 393 7.03 -29.36 -18.64
CA LEU B 393 7.35 -28.34 -19.64
C LEU B 393 8.39 -27.36 -19.12
N ASN B 394 8.26 -26.93 -17.86
CA ASN B 394 9.23 -26.01 -17.29
C ASN B 394 10.60 -26.67 -17.14
N ALA B 395 10.62 -27.95 -16.81
CA ALA B 395 11.89 -28.66 -16.72
C ALA B 395 12.56 -28.78 -18.08
N LEU B 396 11.77 -28.96 -19.15
CA LEU B 396 12.35 -29.01 -20.49
C LEU B 396 12.85 -27.64 -20.93
N SER B 397 12.23 -26.57 -20.45
CA SER B 397 12.68 -25.22 -20.77
C SER B 397 13.95 -24.84 -20.03
N GLY B 398 14.25 -25.50 -18.92
CA GLY B 398 15.39 -25.16 -18.10
C GLY B 398 15.08 -24.35 -16.86
N PHE B 399 13.81 -24.13 -16.56
CA PHE B 399 13.42 -23.33 -15.41
C PHE B 399 13.40 -24.11 -14.10
N LEU B 400 13.46 -25.44 -14.16
CA LEU B 400 13.36 -26.28 -12.98
C LEU B 400 14.55 -27.24 -12.93
N SER B 401 14.84 -27.71 -11.72
CA SER B 401 15.95 -28.62 -11.49
C SER B 401 15.45 -30.05 -11.36
N TYR B 402 16.15 -30.97 -12.00
CA TYR B 402 15.79 -32.38 -12.01
C TYR B 402 17.00 -33.21 -11.61
N GLN B 403 16.75 -34.26 -10.82
CA GLN B 403 17.80 -35.21 -10.45
C GLN B 403 17.48 -36.54 -11.13
N GLY B 404 18.09 -36.77 -12.27
CA GLY B 404 17.83 -37.99 -13.02
C GLY B 404 18.48 -37.91 -14.39
N SER B 405 17.77 -38.42 -15.39
CA SER B 405 18.25 -38.44 -16.76
C SER B 405 17.18 -37.83 -17.65
N LEU B 406 17.45 -36.64 -18.18
CA LEU B 406 16.61 -36.00 -19.21
C LEU B 406 17.56 -35.70 -20.37
N ARG B 407 17.74 -36.67 -21.25
CA ARG B 407 18.66 -36.55 -22.37
C ARG B 407 17.88 -36.09 -23.60
N ILE B 408 18.18 -34.90 -24.07
CA ILE B 408 17.58 -34.37 -25.29
C ILE B 408 18.60 -34.55 -26.42
N ASN B 409 18.18 -35.27 -27.47
CA ASN B 409 19.04 -35.55 -28.62
C ASN B 409 20.34 -36.24 -28.19
N GLY B 410 20.25 -37.05 -27.14
CA GLY B 410 21.40 -37.77 -26.64
C GLY B 410 22.26 -37.00 -25.66
N ILE B 411 21.98 -35.73 -25.41
CA ILE B 411 22.75 -34.90 -24.49
C ILE B 411 21.86 -34.55 -23.31
N GLU B 412 22.34 -34.80 -22.10
CA GLU B 412 21.55 -34.51 -20.91
C GLU B 412 21.37 -33.01 -20.75
N LEU B 413 20.20 -32.60 -20.28
CA LEU B 413 19.85 -31.18 -20.24
C LEU B 413 20.76 -30.41 -19.30
N ARG B 414 21.06 -30.95 -18.12
CA ARG B 414 21.86 -30.23 -17.14
C ARG B 414 23.29 -29.96 -17.63
N ASP B 415 23.73 -30.65 -18.67
CA ASP B 415 25.04 -30.39 -19.27
C ASP B 415 24.96 -29.44 -20.45
N LEU B 416 23.79 -28.89 -20.74
CA LEU B 416 23.57 -28.05 -21.92
C LEU B 416 23.46 -26.59 -21.51
N SER B 417 24.18 -25.72 -22.21
CA SER B 417 24.19 -24.30 -21.87
C SER B 417 22.81 -23.71 -22.10
N PRO B 418 22.22 -23.05 -21.09
CA PRO B 418 20.86 -22.51 -21.27
C PRO B 418 20.76 -21.45 -22.34
N GLU B 419 21.81 -20.64 -22.53
CA GLU B 419 21.74 -19.57 -23.51
C GLU B 419 21.55 -20.10 -24.92
N SER B 420 22.24 -21.20 -25.26
CA SER B 420 22.14 -21.78 -26.58
C SER B 420 21.00 -22.77 -26.72
N TRP B 421 20.56 -23.40 -25.63
CA TRP B 421 19.46 -24.35 -25.71
C TRP B 421 18.15 -23.65 -26.06
N ARG B 422 17.90 -22.49 -25.46
CA ARG B 422 16.64 -21.78 -25.70
C ARG B 422 16.57 -21.15 -27.09
N LYS B 423 17.67 -21.25 -27.85
CA LYS B 423 17.71 -20.72 -29.25
C LYS B 423 16.91 -21.66 -30.16
N HIS B 424 16.86 -22.95 -29.80
CA HIS B 424 16.11 -23.97 -30.52
C HIS B 424 14.76 -24.27 -29.89
N LEU B 425 14.31 -23.44 -28.94
CA LEU B 425 13.11 -23.71 -28.18
C LEU B 425 12.13 -22.55 -28.35
N SER B 426 10.89 -22.88 -28.72
CA SER B 426 9.79 -21.93 -28.76
C SER B 426 8.62 -22.56 -28.02
N TRP B 427 7.75 -21.73 -27.45
CA TRP B 427 6.70 -22.31 -26.63
C TRP B 427 5.56 -21.32 -26.49
N VAL B 428 4.37 -21.84 -26.15
CA VAL B 428 3.15 -21.01 -25.98
C VAL B 428 2.48 -21.34 -24.64
N GLY B 429 2.52 -20.41 -23.69
CA GLY B 429 1.95 -20.60 -22.34
C GLY B 429 0.44 -20.36 -22.32
N GLN B 430 -0.22 -20.72 -21.21
CA GLN B 430 -1.68 -20.51 -21.07
C GLN B 430 -1.97 -19.01 -21.16
N ASN B 431 -1.15 -18.20 -20.49
CA ASN B 431 -1.32 -16.72 -20.49
C ASN B 431 -0.26 -16.14 -21.42
N PRO B 432 -0.65 -15.36 -22.46
CA PRO B 432 0.32 -14.79 -23.39
C PRO B 432 0.91 -13.51 -22.80
N GLN B 433 2.00 -13.63 -22.05
CA GLN B 433 2.63 -12.46 -21.46
C GLN B 433 3.31 -11.68 -22.57
N LEU B 434 2.87 -10.45 -22.78
CA LEU B 434 3.43 -9.60 -23.83
C LEU B 434 4.21 -8.46 -23.19
N PRO B 435 5.53 -8.53 -23.13
CA PRO B 435 6.29 -7.51 -22.40
C PRO B 435 6.83 -6.39 -23.27
N ALA B 436 6.71 -6.51 -24.59
CA ALA B 436 7.33 -5.53 -25.48
C ALA B 436 6.49 -4.26 -25.52
N ALA B 437 6.86 -3.34 -26.40
CA ALA B 437 6.18 -2.05 -26.47
C ALA B 437 4.91 -2.13 -27.31
N THR B 438 5.06 -2.48 -28.58
CA THR B 438 3.96 -2.50 -29.52
C THR B 438 3.65 -3.92 -29.96
N LEU B 439 2.44 -4.11 -30.50
CA LEU B 439 1.99 -5.43 -30.91
C LEU B 439 2.92 -6.03 -31.97
N ARG B 440 3.59 -5.20 -32.74
CA ARG B 440 4.60 -5.72 -33.65
C ARG B 440 5.88 -6.10 -32.91
N ASP B 441 6.20 -5.39 -31.83
CA ASP B 441 7.40 -5.73 -31.06
C ASP B 441 7.19 -7.01 -30.26
N ASN B 442 5.95 -7.32 -29.87
CA ASN B 442 5.66 -8.59 -29.26
C ASN B 442 5.97 -9.74 -30.21
N VAL B 443 5.55 -9.61 -31.46
CA VAL B 443 5.79 -10.67 -32.44
C VAL B 443 7.26 -10.75 -32.81
N LEU B 444 7.91 -9.61 -33.00
CA LEU B 444 9.32 -9.58 -33.36
C LEU B 444 10.24 -9.81 -32.17
N LEU B 445 9.69 -10.25 -31.03
CA LEU B 445 10.52 -10.50 -29.86
C LEU B 445 11.44 -11.69 -30.11
N ALA B 446 10.96 -12.70 -30.83
CA ALA B 446 11.78 -13.87 -31.12
C ALA B 446 12.95 -13.52 -32.02
N ARG B 447 12.68 -12.84 -33.14
CA ARG B 447 13.71 -12.39 -34.07
C ARG B 447 13.72 -10.87 -34.05
N PRO B 448 14.74 -10.28 -33.44
CA PRO B 448 14.80 -8.83 -33.33
C PRO B 448 15.01 -8.16 -34.68
N ASP B 449 15.58 -8.87 -35.65
CA ASP B 449 15.84 -8.33 -36.98
C ASP B 449 15.40 -9.36 -38.02
N ALA B 450 14.30 -9.07 -38.70
CA ALA B 450 13.81 -9.94 -39.76
C ALA B 450 13.12 -9.10 -40.83
N SER B 451 13.05 -9.64 -42.03
CA SER B 451 12.41 -8.95 -43.14
C SER B 451 10.89 -9.05 -43.02
N GLU B 452 10.20 -8.15 -43.72
CA GLU B 452 8.75 -8.10 -43.63
C GLU B 452 8.07 -9.27 -44.32
N GLN B 453 8.74 -9.93 -45.27
CA GLN B 453 8.13 -11.04 -45.97
C GLN B 453 7.84 -12.21 -45.02
N GLU B 454 8.85 -12.64 -44.27
CA GLU B 454 8.63 -13.69 -43.27
C GLU B 454 7.91 -13.14 -42.05
N LEU B 455 8.04 -11.84 -41.78
CA LEU B 455 7.31 -11.22 -40.69
C LEU B 455 5.81 -11.33 -40.93
N GLN B 456 5.38 -10.99 -42.15
CA GLN B 456 3.95 -11.08 -42.51
C GLN B 456 3.56 -12.57 -42.54
N ALA B 457 4.47 -13.43 -43.01
CA ALA B 457 4.18 -14.86 -43.10
C ALA B 457 3.84 -15.44 -41.74
N ALA B 458 4.55 -15.00 -40.69
CA ALA B 458 4.26 -15.46 -39.34
C ALA B 458 3.04 -14.78 -38.73
N LEU B 459 2.54 -13.71 -39.35
CA LEU B 459 1.36 -13.03 -38.83
C LEU B 459 0.08 -13.72 -39.29
N ASP B 460 -0.12 -13.80 -40.61
CA ASP B 460 -1.36 -14.39 -41.12
C ASP B 460 -1.43 -15.88 -40.82
N ASN B 461 -0.29 -16.57 -40.74
CA ASN B 461 -0.29 -17.98 -40.38
C ASN B 461 -0.88 -18.20 -38.99
N ALA B 462 -0.59 -17.30 -38.06
CA ALA B 462 -1.18 -17.36 -36.73
C ALA B 462 -2.56 -16.72 -36.67
N TRP B 463 -3.07 -16.22 -37.80
CA TRP B 463 -4.39 -15.60 -37.89
C TRP B 463 -4.47 -14.38 -36.96
N VAL B 464 -3.43 -13.56 -36.95
CA VAL B 464 -3.44 -12.32 -36.20
C VAL B 464 -3.76 -11.18 -37.16
N SER B 465 -3.48 -11.39 -38.45
CA SER B 465 -3.86 -10.41 -39.47
C SER B 465 -5.37 -10.31 -39.64
N GLU B 466 -6.11 -11.29 -39.12
CA GLU B 466 -7.56 -11.26 -39.23
C GLU B 466 -8.14 -10.02 -38.55
N PHE B 467 -7.61 -9.67 -37.38
CA PHE B 467 -8.17 -8.58 -36.59
C PHE B 467 -7.25 -7.36 -36.53
N LEU B 468 -6.22 -7.29 -37.36
CA LEU B 468 -5.38 -6.08 -37.39
C LEU B 468 -6.15 -4.84 -37.79
N PRO B 469 -6.98 -4.84 -38.85
CA PRO B 469 -7.75 -3.63 -39.17
C PRO B 469 -8.69 -3.20 -38.06
N LEU B 470 -9.10 -4.12 -37.18
CA LEU B 470 -9.95 -3.75 -36.06
C LEU B 470 -9.20 -2.88 -35.06
N LEU B 471 -7.89 -3.06 -34.93
CA LEU B 471 -7.11 -2.23 -34.03
C LEU B 471 -6.99 -0.81 -34.56
N PRO B 472 -6.82 0.18 -33.68
CA PRO B 472 -6.71 1.57 -34.15
C PRO B 472 -5.53 1.82 -35.07
N GLN B 473 -4.39 1.16 -34.81
CA GLN B 473 -3.18 1.46 -35.64
C GLN B 473 -2.76 0.28 -36.54
N GLY B 474 -3.28 -0.93 -36.30
CA GLY B 474 -2.89 -2.05 -37.15
C GLY B 474 -1.70 -2.80 -36.58
N VAL B 475 -0.69 -3.02 -37.43
CA VAL B 475 0.45 -3.84 -37.05
C VAL B 475 1.22 -3.21 -35.89
N ASP B 476 1.43 -1.90 -35.94
CA ASP B 476 2.18 -1.19 -34.92
C ASP B 476 1.29 -0.64 -33.82
N THR B 477 0.18 -1.31 -33.54
CA THR B 477 -0.68 -0.90 -32.43
C THR B 477 0.12 -0.93 -31.13
N PRO B 478 0.01 0.08 -30.29
CA PRO B 478 0.75 0.06 -29.01
C PRO B 478 0.20 -0.98 -28.06
N VAL B 479 0.97 -2.05 -27.84
CA VAL B 479 0.55 -3.10 -26.91
C VAL B 479 0.47 -2.55 -25.50
N GLY B 480 -0.74 -2.47 -24.97
CA GLY B 480 -0.95 -1.87 -23.65
C GLY B 480 -0.38 -2.77 -22.56
N ASP B 481 -0.13 -2.16 -21.40
CA ASP B 481 0.37 -2.90 -20.25
C ASP B 481 -0.61 -4.01 -19.87
N GLN B 482 -0.08 -5.21 -19.66
CA GLN B 482 -0.86 -6.41 -19.37
C GLN B 482 -1.85 -6.72 -20.48
N ALA B 483 -1.58 -6.24 -21.70
CA ALA B 483 -2.44 -6.46 -22.86
C ALA B 483 -3.87 -6.01 -22.60
N ALA B 484 -4.01 -4.88 -21.89
CA ALA B 484 -5.33 -4.36 -21.58
C ALA B 484 -6.08 -3.96 -22.84
N ARG B 485 -5.36 -3.37 -23.81
CA ARG B 485 -5.98 -2.97 -25.07
C ARG B 485 -6.54 -4.17 -25.83
N LEU B 486 -5.78 -5.27 -25.87
CA LEU B 486 -6.23 -6.48 -26.53
C LEU B 486 -7.13 -7.29 -25.60
N SER B 487 -7.90 -8.19 -26.20
CA SER B 487 -8.66 -9.16 -25.44
C SER B 487 -7.79 -10.38 -25.16
N VAL B 488 -8.26 -11.22 -24.23
CA VAL B 488 -7.52 -12.43 -23.91
C VAL B 488 -7.43 -13.34 -25.13
N GLY B 489 -8.48 -13.33 -25.97
CA GLY B 489 -8.42 -14.10 -27.19
C GLY B 489 -7.40 -13.57 -28.18
N GLN B 490 -7.34 -12.24 -28.34
CA GLN B 490 -6.38 -11.66 -29.26
C GLN B 490 -4.96 -11.66 -28.70
N ALA B 491 -4.83 -11.56 -27.38
CA ALA B 491 -3.51 -11.64 -26.75
C ALA B 491 -2.88 -13.01 -26.88
N GLN B 492 -3.67 -14.04 -27.17
CA GLN B 492 -3.15 -15.40 -27.33
C GLN B 492 -2.65 -15.65 -28.75
N ARG B 493 -3.36 -15.16 -29.76
CA ARG B 493 -2.93 -15.36 -31.13
C ARG B 493 -1.67 -14.57 -31.46
N VAL B 494 -1.37 -13.52 -30.71
CA VAL B 494 -0.11 -12.81 -30.91
C VAL B 494 1.04 -13.52 -30.21
N ALA B 495 0.75 -14.28 -29.14
CA ALA B 495 1.77 -15.16 -28.58
C ALA B 495 2.09 -16.29 -29.54
N VAL B 496 1.09 -16.78 -30.26
CA VAL B 496 1.32 -17.83 -31.26
C VAL B 496 2.18 -17.31 -32.39
N ALA B 497 2.01 -16.02 -32.75
CA ALA B 497 2.72 -15.47 -33.90
C ALA B 497 4.23 -15.49 -33.69
N ARG B 498 4.69 -15.13 -32.49
CA ARG B 498 6.13 -15.14 -32.22
C ARG B 498 6.67 -16.55 -32.02
N ALA B 499 5.83 -17.50 -31.61
CA ALA B 499 6.27 -18.88 -31.55
C ALA B 499 6.57 -19.43 -32.94
N LEU B 500 5.73 -19.12 -33.92
CA LEU B 500 5.90 -19.61 -35.28
C LEU B 500 7.00 -18.87 -36.04
N LEU B 501 7.37 -17.67 -35.60
CA LEU B 501 8.24 -16.83 -36.42
C LEU B 501 9.68 -17.34 -36.42
N ASN B 502 10.12 -17.98 -35.35
CA ASN B 502 11.49 -18.45 -35.23
C ASN B 502 11.54 -19.96 -35.41
N PRO B 503 12.44 -20.48 -36.24
CA PRO B 503 12.59 -21.94 -36.34
C PRO B 503 12.88 -22.56 -34.98
N CYS B 504 12.17 -23.63 -34.68
CA CYS B 504 12.21 -24.27 -33.36
C CYS B 504 12.49 -25.75 -33.51
N SER B 505 13.46 -26.24 -32.73
CA SER B 505 13.76 -27.65 -32.67
C SER B 505 12.97 -28.37 -31.59
N LEU B 506 12.12 -27.65 -30.87
CA LEU B 506 11.20 -28.22 -29.89
C LEU B 506 10.19 -27.15 -29.54
N LEU B 507 8.91 -27.53 -29.49
CA LEU B 507 7.83 -26.57 -29.29
C LEU B 507 6.92 -27.09 -28.18
N LEU B 508 6.77 -26.30 -27.13
CA LEU B 508 6.09 -26.71 -25.90
C LEU B 508 4.84 -25.87 -25.71
N LEU B 509 3.68 -26.49 -25.84
CA LEU B 509 2.40 -25.81 -25.61
C LEU B 509 1.89 -26.16 -24.22
N ASP B 510 1.67 -25.13 -23.39
CA ASP B 510 1.19 -25.38 -22.04
C ASP B 510 -0.32 -25.60 -22.02
N GLU B 511 -1.08 -24.59 -22.39
CA GLU B 511 -2.53 -24.69 -22.57
C GLU B 511 -2.98 -23.55 -23.47
N PRO B 512 -2.55 -23.56 -24.73
CA PRO B 512 -2.78 -22.37 -25.57
C PRO B 512 -4.24 -22.01 -25.78
N ALA B 513 -5.14 -23.00 -25.77
CA ALA B 513 -6.55 -22.75 -26.03
C ALA B 513 -7.36 -22.45 -24.77
N ALA B 514 -6.78 -22.57 -23.59
CA ALA B 514 -7.53 -22.33 -22.37
C ALA B 514 -7.74 -20.83 -22.15
N SER B 515 -8.91 -20.50 -21.59
CA SER B 515 -9.30 -19.11 -21.31
C SER B 515 -9.43 -18.28 -22.59
N LEU B 516 -9.67 -18.93 -23.72
CA LEU B 516 -9.97 -18.27 -24.98
C LEU B 516 -11.47 -18.09 -25.16
N ASP B 517 -11.83 -17.19 -26.08
CA ASP B 517 -13.22 -16.93 -26.41
C ASP B 517 -13.71 -18.00 -27.38
N ALA B 518 -14.88 -17.77 -27.98
CA ALA B 518 -15.46 -18.75 -28.89
C ALA B 518 -14.63 -18.90 -30.16
N HIS B 519 -14.29 -17.78 -30.81
CA HIS B 519 -13.73 -17.85 -32.16
C HIS B 519 -12.24 -18.15 -32.14
N SER B 520 -11.47 -17.42 -31.33
CA SER B 520 -10.01 -17.56 -31.36
C SER B 520 -9.55 -18.94 -30.93
N GLU B 521 -10.40 -19.70 -30.23
CA GLU B 521 -10.00 -21.03 -29.79
C GLU B 521 -9.69 -21.95 -30.97
N GLN B 522 -10.50 -21.89 -32.02
CA GLN B 522 -10.15 -22.64 -33.22
C GLN B 522 -8.97 -22.01 -33.94
N ARG B 523 -8.87 -20.68 -33.91
CA ARG B 523 -7.79 -19.99 -34.62
C ARG B 523 -6.43 -20.39 -34.07
N VAL B 524 -6.31 -20.47 -32.74
CA VAL B 524 -5.03 -20.85 -32.15
C VAL B 524 -4.74 -22.33 -32.43
N MET B 525 -5.77 -23.18 -32.37
CA MET B 525 -5.56 -24.60 -32.67
C MET B 525 -5.19 -24.81 -34.13
N GLU B 526 -5.89 -24.16 -35.05
CA GLU B 526 -5.58 -24.33 -36.47
C GLU B 526 -4.15 -23.94 -36.77
N ALA B 527 -3.68 -22.84 -36.19
CA ALA B 527 -2.30 -22.42 -36.38
C ALA B 527 -1.33 -23.43 -35.76
N LEU B 528 -1.59 -23.83 -34.51
CA LEU B 528 -0.67 -24.70 -33.79
C LEU B 528 -0.74 -26.14 -34.29
N ASN B 529 -1.95 -26.66 -34.55
CA ASN B 529 -2.07 -28.03 -35.00
C ASN B 529 -1.35 -28.26 -36.32
N ALA B 530 -1.20 -27.22 -37.13
CA ALA B 530 -0.39 -27.28 -38.32
C ALA B 530 1.08 -26.94 -38.06
N ALA B 531 1.37 -26.25 -36.96
CA ALA B 531 2.73 -25.92 -36.58
C ALA B 531 3.38 -26.97 -35.70
N SER B 532 2.62 -27.95 -35.22
CA SER B 532 3.17 -29.02 -34.40
C SER B 532 3.79 -30.13 -35.24
N LEU B 533 3.66 -30.08 -36.56
CA LEU B 533 4.20 -31.12 -37.43
C LEU B 533 5.62 -30.84 -37.91
N ARG B 534 6.00 -29.56 -38.01
CA ARG B 534 7.30 -29.21 -38.57
C ARG B 534 8.46 -29.60 -37.68
N GLN B 535 8.20 -30.02 -36.44
CA GLN B 535 9.25 -30.35 -35.49
C GLN B 535 8.62 -31.14 -34.36
N THR B 536 9.46 -31.65 -33.46
CA THR B 536 8.95 -32.33 -32.28
C THR B 536 8.17 -31.36 -31.41
N THR B 537 7.11 -31.86 -30.79
CA THR B 537 6.17 -31.02 -30.07
C THR B 537 5.63 -31.80 -28.89
N LEU B 538 5.35 -31.09 -27.80
CA LEU B 538 4.72 -31.69 -26.63
C LEU B 538 3.68 -30.70 -26.14
N MET B 539 2.46 -31.19 -25.89
CA MET B 539 1.34 -30.35 -25.54
C MET B 539 0.76 -30.78 -24.20
N VAL B 540 0.09 -29.85 -23.53
CA VAL B 540 -0.69 -30.12 -22.33
C VAL B 540 -2.08 -29.52 -22.55
N THR B 541 -3.12 -30.28 -22.22
CA THR B 541 -4.46 -29.80 -22.52
C THR B 541 -5.48 -30.45 -21.61
N HIS B 542 -6.64 -29.80 -21.52
CA HIS B 542 -7.84 -30.37 -20.92
C HIS B 542 -8.95 -30.59 -21.93
N GLN B 543 -8.69 -30.20 -23.19
CA GLN B 543 -9.66 -30.42 -24.28
C GLN B 543 -9.35 -31.80 -24.86
N LEU B 544 -10.05 -32.83 -24.39
CA LEU B 544 -9.78 -34.21 -24.76
C LEU B 544 -10.57 -34.68 -25.98
N GLU B 545 -11.38 -33.81 -26.58
CA GLU B 545 -12.31 -34.25 -27.61
C GLU B 545 -11.60 -34.60 -28.91
N ASP B 546 -10.58 -33.83 -29.30
CA ASP B 546 -9.99 -33.92 -30.62
C ASP B 546 -8.57 -34.49 -30.63
N LEU B 547 -8.21 -35.27 -29.60
CA LEU B 547 -6.85 -35.81 -29.47
C LEU B 547 -6.63 -37.07 -30.29
N ALA B 548 -7.48 -37.36 -31.28
CA ALA B 548 -7.34 -38.60 -32.04
C ALA B 548 -6.15 -38.59 -32.98
N ASP B 549 -5.49 -37.45 -33.18
CA ASP B 549 -4.41 -37.34 -34.14
C ASP B 549 -3.03 -37.40 -33.50
N TRP B 550 -2.91 -36.99 -32.23
CA TRP B 550 -1.59 -36.91 -31.60
C TRP B 550 -1.00 -38.30 -31.39
N ASP B 551 0.32 -38.38 -31.57
CA ASP B 551 0.97 -39.69 -31.66
C ASP B 551 0.86 -40.49 -30.37
N VAL B 552 1.10 -39.85 -29.23
CA VAL B 552 1.07 -40.53 -27.95
C VAL B 552 0.32 -39.68 -26.93
N ILE B 553 -0.40 -40.36 -26.04
CA ILE B 553 -1.13 -39.72 -24.97
C ILE B 553 -0.41 -40.06 -23.67
N TRP B 554 0.11 -39.06 -22.98
CA TRP B 554 0.76 -39.29 -21.69
C TRP B 554 -0.13 -38.71 -20.59
N VAL B 555 -0.99 -39.55 -20.03
CA VAL B 555 -1.78 -39.17 -18.87
C VAL B 555 -0.93 -39.38 -17.62
N MET B 556 -0.99 -38.43 -16.69
CA MET B 556 -0.26 -38.57 -15.44
C MET B 556 -1.12 -38.15 -14.27
N GLN B 557 -0.85 -38.75 -13.12
CA GLN B 557 -1.47 -38.38 -11.86
C GLN B 557 -0.40 -38.33 -10.79
N ASP B 558 -0.38 -37.25 -10.01
CA ASP B 558 0.61 -37.04 -8.97
C ASP B 558 2.04 -37.16 -9.52
N GLY B 559 2.26 -36.56 -10.68
CA GLY B 559 3.58 -36.51 -11.27
C GLY B 559 4.14 -37.86 -11.68
N ARG B 560 3.30 -38.71 -12.27
CA ARG B 560 3.77 -40.01 -12.76
C ARG B 560 2.95 -40.38 -13.99
N ILE B 561 3.63 -40.60 -15.11
CA ILE B 561 2.96 -40.98 -16.34
C ILE B 561 2.41 -42.39 -16.18
N ILE B 562 1.10 -42.55 -16.39
CA ILE B 562 0.44 -43.81 -16.11
C ILE B 562 0.24 -44.60 -17.41
N GLU B 563 -0.49 -44.03 -18.36
CA GLU B 563 -0.77 -44.69 -19.62
C GLU B 563 0.00 -44.05 -20.75
N GLN B 564 0.00 -44.73 -21.90
CA GLN B 564 0.66 -44.25 -23.11
C GLN B 564 -0.16 -44.69 -24.31
N GLY B 565 0.42 -44.58 -25.50
CA GLY B 565 -0.18 -45.09 -26.70
C GLY B 565 -1.12 -44.12 -27.39
N ARG B 566 -1.51 -44.49 -28.61
CA ARG B 566 -2.43 -43.70 -29.41
C ARG B 566 -3.74 -43.48 -28.68
N TYR B 567 -4.50 -42.47 -29.13
CA TYR B 567 -5.69 -42.05 -28.42
C TYR B 567 -6.73 -43.17 -28.34
N ALA B 568 -6.94 -43.88 -29.44
CA ALA B 568 -8.01 -44.89 -29.47
C ALA B 568 -7.73 -46.01 -28.48
N GLU B 569 -6.46 -46.32 -28.22
CA GLU B 569 -6.12 -47.44 -27.34
C GLU B 569 -6.62 -47.23 -25.93
N LEU B 570 -6.29 -46.09 -25.32
CA LEU B 570 -6.64 -45.84 -23.93
C LEU B 570 -7.95 -45.08 -23.78
N SER B 571 -8.61 -44.72 -24.88
CA SER B 571 -9.91 -44.06 -24.77
C SER B 571 -10.98 -45.04 -24.30
N VAL B 572 -10.95 -46.28 -24.80
CA VAL B 572 -11.94 -47.29 -24.46
C VAL B 572 -11.36 -48.41 -23.62
N ALA B 573 -10.09 -48.33 -23.23
CA ALA B 573 -9.49 -49.37 -22.40
C ALA B 573 -10.00 -49.33 -20.97
N GLY B 574 -10.75 -48.31 -20.59
CA GLY B 574 -11.26 -48.22 -19.23
C GLY B 574 -10.24 -47.81 -18.19
N GLY B 575 -9.15 -47.18 -18.60
CA GLY B 575 -8.13 -46.74 -17.67
C GLY B 575 -8.43 -45.37 -17.10
N PRO B 576 -7.41 -44.72 -16.53
CA PRO B 576 -7.62 -43.37 -16.01
C PRO B 576 -8.09 -42.38 -17.06
N PHE B 577 -7.61 -42.52 -18.30
CA PHE B 577 -8.01 -41.58 -19.35
C PHE B 577 -9.49 -41.68 -19.67
N ALA B 578 -10.02 -42.91 -19.73
CA ALA B 578 -11.45 -43.09 -20.02
C ALA B 578 -12.30 -42.47 -18.93
N THR B 579 -11.93 -42.67 -17.67
CA THR B 579 -12.62 -41.99 -16.58
C THR B 579 -12.43 -40.49 -16.66
N LEU B 580 -11.21 -40.05 -16.98
CA LEU B 580 -10.95 -38.62 -17.11
C LEU B 580 -11.73 -38.02 -18.27
N LEU B 581 -11.87 -38.76 -19.36
CA LEU B 581 -12.69 -38.29 -20.49
C LEU B 581 -14.14 -38.15 -20.06
N ALA B 582 -14.63 -39.06 -19.22
CA ALA B 582 -16.01 -38.99 -18.76
C ALA B 582 -16.22 -37.80 -17.83
N HIS B 583 -15.16 -37.29 -17.20
CA HIS B 583 -15.29 -36.14 -16.32
C HIS B 583 -15.77 -34.92 -17.08
N ARG B 584 -15.24 -34.72 -18.30
CA ARG B 584 -15.60 -33.54 -19.13
C ARG B 584 -17.08 -33.59 -19.53
N GLN B 585 -17.68 -34.79 -19.56
CA GLN B 585 -19.08 -34.92 -19.94
C GLN B 585 -20.02 -34.41 -18.86
N GLU B 586 -19.56 -34.35 -17.60
CA GLU B 586 -20.39 -33.79 -16.55
C GLU B 586 -20.66 -32.30 -16.78
N GLU B 587 -19.66 -31.57 -17.25
CA GLU B 587 -19.78 -30.14 -17.50
C GLU B 587 -20.19 -29.90 -18.95
N ILE B 588 -21.06 -28.91 -19.15
CA ILE B 588 -21.49 -28.54 -20.49
C ILE B 588 -20.32 -27.96 -21.28
MG MG C . -0.54 -26.17 -15.65
PG ANP D . -2.84 -27.23 -13.66
O1G ANP D . -3.37 -28.28 -14.58
O2G ANP D . -4.03 -26.65 -12.79
O3G ANP D . -2.18 -26.07 -14.52
PB ANP D . -0.67 -28.85 -13.62
O1B ANP D . -0.24 -28.04 -14.80
O2B ANP D . -1.48 -30.08 -14.12
N3B ANP D . -1.67 -27.92 -12.66
PA ANP D . 1.36 -28.35 -11.88
O1A ANP D . 0.79 -26.99 -11.95
O2A ANP D . 2.83 -28.44 -12.28
O3A ANP D . 0.58 -29.34 -12.83
O5' ANP D . 1.15 -28.90 -10.41
C5' ANP D . 2.23 -29.54 -9.70
C4' ANP D . 2.05 -29.31 -8.22
O4' ANP D . 3.22 -28.65 -7.69
C3' ANP D . 0.87 -28.43 -7.84
O3' ANP D . 0.36 -28.80 -6.56
C2' ANP D . 1.50 -27.03 -7.83
O2' ANP D . 0.80 -26.15 -6.96
C1' ANP D . 2.91 -27.33 -7.31
N9 ANP D . 3.93 -26.44 -7.84
C8 ANP D . 4.20 -26.18 -9.16
N7 ANP D . 5.19 -25.35 -9.35
C5 ANP D . 5.61 -25.04 -8.06
C6 ANP D . 6.63 -24.20 -7.58
N6 ANP D . 7.45 -23.49 -8.36
N1 ANP D . 6.78 -24.10 -6.24
C2 ANP D . 5.96 -24.81 -5.46
N3 ANP D . 4.97 -25.63 -5.79
C4 ANP D . 4.84 -25.70 -7.13
#